data_8VUF
#
_entry.id   8VUF
#
_cell.length_a   163.074
_cell.length_b   72.794
_cell.length_c   109.138
_cell.angle_alpha   90.000
_cell.angle_beta   100.247
_cell.angle_gamma   90.000
#
_symmetry.space_group_name_H-M   'C 1 2 1'
#
loop_
_entity.id
_entity.type
_entity.pdbx_description
1 polymer 'Reverse transcriptase/ribonuclease H'
2 polymer 'p51 RT'
3 non-polymer 'SULFATE ION'
4 non-polymer (2E)-3-[4-({2-[(1-{[4-(methanesulfonyl)phenyl]methyl}piperidin-4-yl)amino]pyrido[2,3-d]pyrimidin-4-yl}oxy)-3,5-dimethylphenyl]prop-2-enenitrile
5 non-polymer 1,2-ETHANEDIOL
6 non-polymer 'DIMETHYL SULFOXIDE'
7 non-polymer 'MAGNESIUM ION'
8 water water
#
loop_
_entity_poly.entity_id
_entity_poly.type
_entity_poly.pdbx_seq_one_letter_code
_entity_poly.pdbx_strand_id
1 'polypeptide(L)'
;MVPISPIETVPVKLKPGMDGPKVKQWPLTEEKIKALVEICTEMEKEGKISKIGPENPYNTPVFAIKKKDSTKWRKLVDFR
ELNKRTQDFWEVQLGIPHPAGLPKNKSVTILDVGDAYFSVPLDEDFRKYTAFTIPSINNETPGIRYQYNVLPQGWKGSPA
IFQSSMTKILEPFAAQNPDIVIYQYMDDLYVGSDLEIGQHRTKIEELRQHLLRWGLTTPDKKHQKEPPFLWMGYELHPDK
WTVQPIVLPEKDSWTVNDIQKLVGKLNWASQIYPGIKVRQLSKLLRGTKALTEVIPLTEEAELELAENREILKEPVHGVY
YDPSKDLIAEIQKQGQGQWTYQIYQEPFKNLKTGKYARMRGAHTNDVKQLTEAVQKITTESIVIWGKTPKFKLPIQKETW
ETWWTEYWQATWIPEWEFVNTPPLVKLWYQLEKEPIVGAETFYVDGAANRETKLGKAGYVTNKGRQKVVPLTNTTNQKTE
LQAIYLALQDSGLEVNIVTDSQYALGIIQAQPDKSESELVNQIIEQLIKKEKVYLAWVPAHKGIGGNEQVDKLVSAG
;
A
2 'polypeptide(L)'
;PISPIETVPVKLKPGMDGPKVKQWPLTEEKIKALVEICTEMEKEGKISKIGPENPYNTPVFAIKKKDSTKWRKLVDFREL
NKRTQDFWEVQLGIPHPAGLKKKKSVTVLDVGDAYFSVPLDEDFRKYTAFTIPSINNETPGIRYQYNVLPQGWKGSPAIF
QSSMTKILEPFKKQNPDIVIYQYMDDLYVGSDLEIGQHRTKIEELRQHLLRWGLTTPDKKHQKEPPFLWMGYELHPDKWT
VQPIVLPEKDSWTVNDIQKLVGKLNWASQIYPGIKVRQLSKLLRGTKALTEVIPLTEEAELELAENREILKEPVHGVYYD
PSKDLIAEIQKQGQGQWTYQIYQEPFKNLKTGKYARMRGAHTNDVKQLTEAVQKITTESIVIWGKTPKFKLPIQKETWET
WWTEYWQATWIPEWEFVNTPPLVKLWYQ
;
B
#
loop_
_chem_comp.id
_chem_comp.type
_chem_comp.name
_chem_comp.formula
DMS non-polymer 'DIMETHYL SULFOXIDE' 'C2 H6 O S'
EDO non-polymer 1,2-ETHANEDIOL 'C2 H6 O2'
MG non-polymer 'MAGNESIUM ION' 'Mg 2'
SO4 non-polymer 'SULFATE ION' 'O4 S -2'
WB3 non-polymer (2E)-3-[4-({2-[(1-{[4-(methanesulfonyl)phenyl]methyl}piperidin-4-yl)amino]pyrido[2,3-d]pyrimidin-4-yl}oxy)-3,5-dimethylphenyl]prop-2-enenitrile 'C31 H32 N6 O3 S'
#
# COMPACT_ATOMS: atom_id res chain seq x y z
N MET A 1 -10.71 43.00 -35.28
CA MET A 1 -10.00 41.86 -34.72
C MET A 1 -10.01 41.91 -33.19
N VAL A 2 -10.77 41.01 -32.57
CA VAL A 2 -10.85 40.95 -31.11
C VAL A 2 -9.64 40.19 -30.58
N PRO A 3 -8.84 40.79 -29.69
CA PRO A 3 -7.64 40.11 -29.20
C PRO A 3 -7.99 38.89 -28.38
N ILE A 4 -7.30 37.78 -28.65
CA ILE A 4 -7.48 36.53 -27.92
C ILE A 4 -6.17 36.18 -27.25
N SER A 5 -6.25 35.72 -26.01
CA SER A 5 -5.02 35.38 -25.30
C SER A 5 -4.48 34.04 -25.80
N PRO A 6 -3.16 33.89 -25.90
CA PRO A 6 -2.59 32.66 -26.44
C PRO A 6 -2.62 31.53 -25.41
N ILE A 7 -2.63 30.31 -25.93
CA ILE A 7 -2.49 29.13 -25.09
C ILE A 7 -1.01 28.90 -24.82
N GLU A 8 -0.64 28.84 -23.55
CA GLU A 8 0.76 28.63 -23.18
C GLU A 8 1.24 27.28 -23.70
N THR A 9 2.46 27.26 -24.22
CA THR A 9 3.05 26.04 -24.73
C THR A 9 3.75 25.28 -23.61
N VAL A 10 3.71 23.96 -23.70
CA VAL A 10 4.39 23.09 -22.75
C VAL A 10 5.78 22.78 -23.29
N PRO A 11 6.84 23.03 -22.53
CA PRO A 11 8.18 22.66 -23.00
C PRO A 11 8.34 21.15 -23.03
N VAL A 12 8.80 20.63 -24.17
CA VAL A 12 8.92 19.19 -24.39
C VAL A 12 10.34 18.89 -24.84
N LYS A 13 10.90 17.80 -24.32
CA LYS A 13 12.23 17.34 -24.69
C LYS A 13 12.16 15.88 -25.11
N LEU A 14 13.16 15.46 -25.88
CA LEU A 14 13.35 14.05 -26.15
C LEU A 14 14.00 13.38 -24.94
N LYS A 15 14.03 12.05 -24.97
CA LYS A 15 14.69 11.32 -23.90
C LYS A 15 16.19 11.61 -23.93
N PRO A 16 16.85 11.59 -22.76
CA PRO A 16 18.27 11.95 -22.71
C PRO A 16 19.11 11.00 -23.56
N GLY A 17 20.02 11.59 -24.35
CA GLY A 17 20.91 10.83 -25.20
C GLY A 17 20.33 10.41 -26.53
N MET A 18 19.04 10.55 -26.74
CA MET A 18 18.39 10.15 -27.99
C MET A 18 18.20 11.34 -28.90
N ASP A 19 18.05 11.05 -30.19
CA ASP A 19 17.83 12.05 -31.22
C ASP A 19 16.45 11.84 -31.84
N GLY A 20 16.06 12.78 -32.71
CA GLY A 20 14.79 12.71 -33.38
C GLY A 20 14.71 11.55 -34.35
N PRO A 21 13.50 11.27 -34.86
CA PRO A 21 13.33 10.15 -35.78
C PRO A 21 13.87 10.47 -37.17
N LYS A 22 14.28 9.42 -37.88
CA LYS A 22 14.80 9.54 -39.24
C LYS A 22 14.31 8.35 -40.07
N VAL A 23 13.00 8.23 -40.21
CA VAL A 23 12.39 7.10 -40.91
C VAL A 23 12.24 7.45 -42.38
N LYS A 24 12.46 6.45 -43.25
CA LYS A 24 12.33 6.66 -44.69
C LYS A 24 10.87 6.69 -45.09
N GLN A 25 10.54 7.60 -46.00
CA GLN A 25 9.18 7.70 -46.51
C GLN A 25 8.89 6.54 -47.46
N TRP A 26 7.77 5.84 -47.22
CA TRP A 26 7.39 4.73 -48.08
C TRP A 26 6.90 5.25 -49.43
N PRO A 27 7.04 4.44 -50.48
CA PRO A 27 6.47 4.84 -51.79
C PRO A 27 4.96 4.87 -51.73
N LEU A 28 4.37 5.88 -52.39
CA LEU A 28 2.94 6.05 -52.43
C LEU A 28 2.47 6.18 -53.87
N THR A 29 1.24 5.72 -54.12
CA THR A 29 0.68 5.77 -55.46
C THR A 29 0.35 7.21 -55.84
N GLU A 30 0.04 7.40 -57.12
CA GLU A 30 -0.19 8.76 -57.62
C GLU A 30 -1.48 9.34 -57.06
N GLU A 31 -2.48 8.49 -56.76
CA GLU A 31 -3.73 9.00 -56.22
C GLU A 31 -3.61 9.33 -54.74
N LYS A 32 -2.84 8.53 -54.00
CA LYS A 32 -2.61 8.85 -52.58
C LYS A 32 -1.82 10.15 -52.43
N ILE A 33 -0.85 10.37 -53.32
CA ILE A 33 -0.03 11.58 -53.23
C ILE A 33 -0.87 12.82 -53.46
N LYS A 34 -1.66 12.82 -54.56
CA LYS A 34 -2.55 13.94 -54.82
C LYS A 34 -3.51 14.18 -53.67
N ALA A 35 -3.94 13.12 -52.99
CA ALA A 35 -4.83 13.27 -51.85
C ALA A 35 -4.13 13.96 -50.69
N LEU A 36 -2.92 13.51 -50.35
CA LEU A 36 -2.19 14.10 -49.23
C LEU A 36 -1.78 15.55 -49.52
N VAL A 37 -1.50 15.87 -50.77
CA VAL A 37 -1.15 17.26 -51.11
C VAL A 37 -2.34 18.18 -50.86
N GLU A 38 -3.54 17.76 -51.27
CA GLU A 38 -4.72 18.57 -51.05
C GLU A 38 -5.07 18.65 -49.57
N ILE A 39 -4.86 17.56 -48.83
CA ILE A 39 -5.12 17.56 -47.39
C ILE A 39 -4.17 18.50 -46.68
N CYS A 40 -2.87 18.37 -46.95
CA CYS A 40 -1.88 19.19 -46.25
C CYS A 40 -1.96 20.65 -46.67
N THR A 41 -2.45 20.94 -47.88
CA THR A 41 -2.65 22.33 -48.27
C THR A 41 -3.73 22.99 -47.43
N GLU A 42 -4.81 22.26 -47.15
CA GLU A 42 -5.85 22.78 -46.27
C GLU A 42 -5.31 23.01 -44.86
N MET A 43 -4.57 22.03 -44.33
CA MET A 43 -4.03 22.18 -42.98
C MET A 43 -3.03 23.32 -42.90
N GLU A 44 -2.31 23.61 -43.98
CA GLU A 44 -1.35 24.71 -43.95
C GLU A 44 -2.06 26.06 -43.92
N LYS A 45 -3.20 26.16 -44.61
CA LYS A 45 -4.00 27.38 -44.53
C LYS A 45 -4.48 27.64 -43.12
N GLU A 46 -4.88 26.59 -42.40
CA GLU A 46 -5.33 26.71 -41.02
C GLU A 46 -4.18 26.85 -40.03
N GLY A 47 -2.94 26.98 -40.51
CA GLY A 47 -1.80 27.14 -39.64
C GLY A 47 -1.39 25.91 -38.86
N LYS A 48 -2.02 24.76 -39.12
CA LYS A 48 -1.69 23.56 -38.35
C LYS A 48 -0.32 23.00 -38.71
N ILE A 49 0.13 23.19 -39.95
CA ILE A 49 1.45 22.75 -40.38
C ILE A 49 2.11 23.88 -41.18
N SER A 50 3.40 23.72 -41.44
CA SER A 50 4.17 24.70 -42.18
C SER A 50 5.24 24.00 -43.01
N LYS A 51 5.45 24.50 -44.22
CA LYS A 51 6.52 23.98 -45.08
C LYS A 51 7.88 24.26 -44.46
N ILE A 52 8.81 23.33 -44.68
CA ILE A 52 10.18 23.46 -44.16
C ILE A 52 11.16 23.24 -45.30
N GLY A 53 12.39 23.69 -45.07
CA GLY A 53 13.45 23.56 -46.04
C GLY A 53 14.12 22.20 -45.98
N PRO A 54 15.20 22.03 -46.73
CA PRO A 54 15.90 20.74 -46.76
C PRO A 54 16.83 20.51 -45.58
N GLU A 55 17.08 21.53 -44.77
CA GLU A 55 18.04 21.40 -43.67
C GLU A 55 17.51 20.52 -42.54
N ASN A 56 16.20 20.40 -42.39
CA ASN A 56 15.63 19.55 -41.33
C ASN A 56 15.97 18.10 -41.61
N PRO A 57 16.71 17.42 -40.74
CA PRO A 57 17.13 16.03 -40.99
C PRO A 57 16.19 14.97 -40.46
N TYR A 58 15.02 15.34 -39.94
CA TYR A 58 14.11 14.39 -39.32
C TYR A 58 12.95 14.08 -40.25
N ASN A 59 12.34 12.92 -40.04
CA ASN A 59 11.26 12.48 -40.91
C ASN A 59 10.51 11.32 -40.26
N THR A 60 9.18 11.34 -40.39
CA THR A 60 8.32 10.23 -40.04
C THR A 60 7.42 9.93 -41.24
N PRO A 61 7.12 8.66 -41.50
CA PRO A 61 6.36 8.32 -42.71
C PRO A 61 4.90 8.73 -42.59
N VAL A 62 4.33 9.15 -43.71
CA VAL A 62 2.93 9.52 -43.81
C VAL A 62 2.24 8.52 -44.74
N PHE A 63 0.97 8.23 -44.44
CA PHE A 63 0.20 7.25 -45.19
C PHE A 63 -1.14 7.87 -45.60
N ALA A 64 -1.88 7.12 -46.41
CA ALA A 64 -3.20 7.55 -46.89
C ALA A 64 -4.16 6.38 -46.74
N ILE A 65 -5.15 6.52 -45.87
CA ILE A 65 -6.15 5.49 -45.60
C ILE A 65 -7.48 5.95 -46.14
N LYS A 66 -8.23 5.03 -46.74
CA LYS A 66 -9.56 5.30 -47.27
C LYS A 66 -10.59 4.49 -46.50
N LYS A 67 -11.73 5.11 -46.20
CA LYS A 67 -12.82 4.48 -45.48
C LYS A 67 -13.99 4.19 -46.41
N LYS A 68 -14.81 3.22 -46.01
CA LYS A 68 -15.94 2.82 -46.84
C LYS A 68 -17.16 3.71 -46.63
N ASP A 69 -17.31 4.28 -45.43
CA ASP A 69 -18.48 5.12 -45.16
C ASP A 69 -18.47 6.38 -46.00
N SER A 70 -17.32 7.02 -46.15
CA SER A 70 -17.16 8.19 -47.00
C SER A 70 -16.00 7.97 -47.95
N THR A 71 -16.27 8.14 -49.24
CA THR A 71 -15.27 7.90 -50.29
C THR A 71 -14.27 9.07 -50.31
N LYS A 72 -13.43 9.11 -49.28
CA LYS A 72 -12.41 10.13 -49.14
C LYS A 72 -11.17 9.52 -48.51
N TRP A 73 -10.01 10.06 -48.87
CA TRP A 73 -8.76 9.64 -48.27
C TRP A 73 -8.51 10.41 -46.98
N ARG A 74 -7.76 9.80 -46.08
CA ARG A 74 -7.44 10.40 -44.78
C ARG A 74 -5.93 10.33 -44.56
N LYS A 75 -5.38 11.39 -43.97
CA LYS A 75 -3.96 11.46 -43.66
C LYS A 75 -3.67 10.75 -42.34
N LEU A 76 -2.58 9.99 -42.33
CA LEU A 76 -2.13 9.29 -41.12
C LEU A 76 -0.60 9.40 -41.05
N VAL A 77 -0.11 10.17 -40.07
CA VAL A 77 1.32 10.33 -39.85
C VAL A 77 1.73 9.39 -38.72
N ASP A 78 2.57 8.41 -39.06
CA ASP A 78 2.98 7.37 -38.11
C ASP A 78 4.06 7.94 -37.18
N PHE A 79 3.69 8.19 -35.93
CA PHE A 79 4.61 8.75 -34.95
C PHE A 79 5.16 7.69 -33.99
N ARG A 80 5.09 6.41 -34.37
CA ARG A 80 5.59 5.36 -33.49
C ARG A 80 7.05 5.59 -33.14
N GLU A 81 7.87 6.02 -34.11
CA GLU A 81 9.29 6.22 -33.84
C GLU A 81 9.52 7.46 -32.99
N LEU A 82 8.78 8.53 -33.25
CA LEU A 82 8.95 9.74 -32.44
C LEU A 82 8.49 9.52 -31.01
N ASN A 83 7.43 8.73 -30.83
CA ASN A 83 6.91 8.49 -29.49
C ASN A 83 7.90 7.69 -28.65
N LYS A 84 8.60 6.74 -29.26
CA LYS A 84 9.61 5.98 -28.52
C LYS A 84 10.72 6.88 -28.00
N ARG A 85 10.96 8.01 -28.67
CA ARG A 85 12.04 8.92 -28.33
C ARG A 85 11.56 10.15 -27.57
N THR A 86 10.26 10.30 -27.36
CA THR A 86 9.70 11.43 -26.66
C THR A 86 9.69 11.15 -25.15
N GLN A 87 9.93 12.20 -24.36
CA GLN A 87 9.93 12.08 -22.91
C GLN A 87 8.61 11.51 -22.40
N ASP A 88 8.63 11.08 -21.13
CA ASP A 88 7.40 10.70 -20.46
C ASP A 88 6.68 11.95 -19.95
N PHE A 89 5.36 11.86 -19.91
CA PHE A 89 4.51 12.94 -19.43
C PHE A 89 3.68 12.45 -18.24
N TRP A 90 3.08 13.40 -17.54
CA TRP A 90 2.16 13.08 -16.45
C TRP A 90 0.78 12.88 -17.05
N GLU A 91 0.43 11.64 -17.34
CA GLU A 91 -0.86 11.32 -17.92
C GLU A 91 -1.96 11.59 -16.89
N VAL A 92 -2.83 12.55 -17.20
CA VAL A 92 -3.85 13.01 -16.27
C VAL A 92 -5.19 12.31 -16.50
N GLN A 93 -5.18 11.14 -17.13
CA GLN A 93 -6.42 10.40 -17.39
C GLN A 93 -6.20 8.91 -17.20
N LEU A 94 -5.49 8.54 -16.13
CA LEU A 94 -5.26 7.12 -15.86
C LEU A 94 -6.56 6.42 -15.47
N GLY A 95 -7.41 7.10 -14.70
CA GLY A 95 -8.66 6.50 -14.26
C GLY A 95 -9.89 7.29 -14.66
N ILE A 96 -11.04 6.65 -14.63
CA ILE A 96 -12.31 7.30 -14.96
C ILE A 96 -13.18 7.33 -13.70
N PRO A 97 -14.11 8.27 -13.59
CA PRO A 97 -14.99 8.30 -12.42
C PRO A 97 -15.91 7.10 -12.37
N HIS A 98 -16.17 6.62 -11.15
CA HIS A 98 -17.19 5.59 -11.13
C HIS A 98 -18.57 6.23 -10.97
N PRO A 99 -19.57 5.77 -11.73
CA PRO A 99 -20.89 6.42 -11.69
C PRO A 99 -21.51 6.46 -10.31
N ALA A 100 -21.24 5.46 -9.46
CA ALA A 100 -21.82 5.45 -8.12
C ALA A 100 -21.32 6.60 -7.25
N GLY A 101 -20.23 7.24 -7.63
CA GLY A 101 -19.72 8.39 -6.90
C GLY A 101 -20.20 9.73 -7.39
N LEU A 102 -20.92 9.78 -8.52
CA LEU A 102 -21.36 11.05 -9.08
C LEU A 102 -22.65 11.52 -8.41
N PRO A 103 -22.78 12.82 -8.15
CA PRO A 103 -24.06 13.34 -7.66
C PRO A 103 -25.02 13.60 -8.81
N LYS A 104 -26.31 13.60 -8.47
CA LYS A 104 -27.34 13.88 -9.46
C LYS A 104 -27.16 15.30 -9.99
N ASN A 105 -27.03 15.42 -11.31
CA ASN A 105 -27.00 16.70 -11.98
C ASN A 105 -28.13 16.75 -13.00
N LYS A 106 -29.18 17.50 -12.66
CA LYS A 106 -30.40 17.61 -13.44
C LYS A 106 -30.13 17.86 -14.92
N SER A 107 -29.60 19.04 -15.24
CA SER A 107 -29.42 19.47 -16.61
C SER A 107 -27.97 19.29 -17.04
N VAL A 108 -27.79 18.76 -18.26
CA VAL A 108 -26.46 18.53 -18.83
C VAL A 108 -26.47 19.04 -20.26
N THR A 109 -25.44 19.80 -20.62
CA THR A 109 -25.25 20.31 -21.98
C THR A 109 -23.90 19.83 -22.51
N ILE A 110 -23.89 19.37 -23.76
CA ILE A 110 -22.68 18.89 -24.42
C ILE A 110 -22.19 19.96 -25.37
N LEU A 111 -20.90 20.32 -25.25
CA LEU A 111 -20.29 21.33 -26.09
C LEU A 111 -19.19 20.70 -26.93
N ASP A 112 -19.04 21.17 -28.17
CA ASP A 112 -18.00 20.70 -29.07
C ASP A 112 -16.77 21.58 -28.90
N VAL A 113 -15.68 20.99 -28.41
CA VAL A 113 -14.42 21.69 -28.25
C VAL A 113 -13.36 21.19 -29.22
N GLY A 114 -13.79 20.60 -30.35
CA GLY A 114 -12.85 20.22 -31.39
C GLY A 114 -12.13 21.40 -32.01
N ASP A 115 -12.70 22.60 -31.90
CA ASP A 115 -12.02 23.80 -32.39
C ASP A 115 -10.71 24.03 -31.65
N ALA A 116 -10.61 23.57 -30.41
CA ALA A 116 -9.37 23.64 -29.65
C ALA A 116 -8.57 22.35 -29.68
N TYR A 117 -9.19 21.23 -30.06
CA TYR A 117 -8.50 19.95 -30.08
C TYR A 117 -7.32 19.98 -31.03
N PHE A 118 -7.47 20.64 -32.19
CA PHE A 118 -6.43 20.76 -33.18
C PHE A 118 -5.87 22.18 -33.24
N SER A 119 -5.90 22.90 -32.11
CA SER A 119 -5.47 24.28 -32.06
C SER A 119 -4.50 24.58 -30.92
N VAL A 120 -4.13 23.59 -30.13
CA VAL A 120 -3.18 23.80 -29.03
C VAL A 120 -1.78 23.90 -29.63
N PRO A 121 -1.05 24.99 -29.40
CA PRO A 121 0.26 25.15 -30.02
C PRO A 121 1.29 24.19 -29.43
N LEU A 122 2.20 23.74 -30.29
CA LEU A 122 3.28 22.85 -29.90
C LEU A 122 4.53 23.65 -29.58
N ASP A 123 5.34 23.12 -28.66
CA ASP A 123 6.59 23.76 -28.28
C ASP A 123 7.44 24.04 -29.52
N GLU A 124 7.86 25.29 -29.66
CA GLU A 124 8.54 25.71 -30.87
C GLU A 124 9.84 24.94 -31.08
N ASP A 125 10.56 24.65 -30.00
CA ASP A 125 11.83 23.93 -30.11
C ASP A 125 11.64 22.46 -30.45
N PHE A 126 10.43 21.94 -30.41
CA PHE A 126 10.17 20.52 -30.63
C PHE A 126 9.63 20.22 -32.02
N ARG A 127 9.16 21.22 -32.76
CA ARG A 127 8.52 21.00 -34.05
C ARG A 127 9.48 20.39 -35.07
N LYS A 128 10.80 20.50 -34.86
CA LYS A 128 11.76 19.88 -35.76
C LYS A 128 11.49 18.40 -35.93
N TYR A 129 11.12 17.73 -34.83
CA TYR A 129 11.01 16.27 -34.79
C TYR A 129 9.73 15.74 -35.41
N THR A 130 8.76 16.60 -35.72
CA THR A 130 7.50 16.18 -36.30
C THR A 130 7.49 16.30 -37.83
N ALA A 131 8.65 16.41 -38.45
CA ALA A 131 8.71 16.62 -39.89
C ALA A 131 8.28 15.36 -40.62
N PHE A 132 7.60 15.55 -41.76
CA PHE A 132 7.18 14.45 -42.60
C PHE A 132 7.21 14.92 -44.05
N THR A 133 7.35 13.96 -44.96
CA THR A 133 7.54 14.24 -46.39
C THR A 133 6.47 13.57 -47.21
N ILE A 134 5.83 14.34 -48.09
CA ILE A 134 4.92 13.79 -49.10
C ILE A 134 5.76 13.47 -50.34
N PRO A 135 5.86 12.20 -50.74
CA PRO A 135 6.61 11.88 -51.96
C PRO A 135 6.00 12.55 -53.17
N SER A 136 6.84 12.81 -54.16
CA SER A 136 6.41 13.54 -55.34
C SER A 136 5.99 12.58 -56.45
N ILE A 137 5.33 13.13 -57.46
CA ILE A 137 4.88 12.33 -58.60
C ILE A 137 6.09 11.83 -59.36
N ASN A 138 6.22 10.51 -59.45
CA ASN A 138 7.28 9.82 -60.19
C ASN A 138 8.67 10.09 -59.62
N ASN A 139 8.76 10.63 -58.40
CA ASN A 139 10.02 10.90 -57.70
C ASN A 139 10.94 11.82 -58.50
N GLU A 140 10.41 12.56 -59.46
CA GLU A 140 11.21 13.47 -60.28
C GLU A 140 11.35 14.85 -59.66
N THR A 141 10.78 15.07 -58.47
CA THR A 141 10.80 16.34 -57.78
C THR A 141 11.08 16.07 -56.30
N PRO A 142 11.81 16.95 -55.62
CA PRO A 142 11.91 16.82 -54.17
C PRO A 142 10.54 16.86 -53.51
N GLY A 143 10.34 15.95 -52.57
CA GLY A 143 9.04 15.85 -51.91
C GLY A 143 8.74 17.08 -51.07
N ILE A 144 7.45 17.33 -50.88
CA ILE A 144 7.02 18.44 -50.04
C ILE A 144 7.22 18.08 -48.58
N ARG A 145 7.89 18.95 -47.83
CA ARG A 145 8.22 18.69 -46.44
C ARG A 145 7.45 19.66 -45.55
N TYR A 146 6.77 19.12 -44.55
CA TYR A 146 6.01 19.87 -43.57
C TYR A 146 6.48 19.54 -42.17
N GLN A 147 6.05 20.35 -41.21
CA GLN A 147 6.21 20.03 -39.80
C GLN A 147 5.01 20.59 -39.05
N TYR A 148 4.69 19.97 -37.92
CA TYR A 148 3.50 20.35 -37.18
C TYR A 148 3.73 21.62 -36.37
N ASN A 149 2.69 22.46 -36.31
CA ASN A 149 2.67 23.60 -35.41
C ASN A 149 1.77 23.39 -34.21
N VAL A 150 0.85 22.43 -34.28
CA VAL A 150 -0.06 22.13 -33.19
C VAL A 150 0.16 20.69 -32.74
N LEU A 151 -0.56 20.26 -31.71
CA LEU A 151 -0.42 18.91 -31.21
C LEU A 151 -0.85 17.91 -32.28
N PRO A 152 0.05 17.05 -32.75
CA PRO A 152 -0.34 16.09 -33.79
C PRO A 152 -1.18 14.95 -33.22
N GLN A 153 -2.23 14.60 -33.95
CA GLN A 153 -3.11 13.50 -33.56
C GLN A 153 -2.33 12.20 -33.72
N GLY A 154 -1.89 11.62 -32.60
CA GLY A 154 -1.11 10.40 -32.63
C GLY A 154 0.21 10.50 -31.88
N TRP A 155 0.65 11.72 -31.61
CA TRP A 155 1.89 11.92 -30.87
C TRP A 155 1.71 11.54 -29.40
N LYS A 156 2.82 11.17 -28.76
CA LYS A 156 2.77 10.64 -27.40
C LYS A 156 2.20 11.65 -26.41
N GLY A 157 2.60 12.91 -26.53
CA GLY A 157 2.19 13.91 -25.58
C GLY A 157 0.92 14.67 -25.90
N SER A 158 0.24 14.35 -27.00
CA SER A 158 -0.96 15.11 -27.37
C SER A 158 -2.09 14.98 -26.36
N PRO A 159 -2.46 13.79 -25.88
CA PRO A 159 -3.56 13.72 -24.90
C PRO A 159 -3.26 14.46 -23.61
N ALA A 160 -2.04 14.34 -23.08
CA ALA A 160 -1.73 14.97 -21.80
C ALA A 160 -1.67 16.49 -21.92
N ILE A 161 -1.02 16.99 -22.97
CA ILE A 161 -0.86 18.43 -23.10
C ILE A 161 -2.20 19.10 -23.38
N PHE A 162 -3.05 18.45 -24.17
CA PHE A 162 -4.37 19.03 -24.46
C PHE A 162 -5.21 19.14 -23.20
N GLN A 163 -5.33 18.04 -22.45
CA GLN A 163 -6.13 18.05 -21.23
C GLN A 163 -5.59 19.04 -20.21
N SER A 164 -4.26 19.13 -20.10
CA SER A 164 -3.66 20.12 -19.20
C SER A 164 -4.02 21.53 -19.65
N SER A 165 -3.93 21.81 -20.94
CA SER A 165 -4.22 23.15 -21.44
C SER A 165 -5.69 23.50 -21.25
N MET A 166 -6.60 22.56 -21.56
CA MET A 166 -8.02 22.82 -21.36
C MET A 166 -8.34 23.03 -19.88
N THR A 167 -7.71 22.25 -19.00
CA THR A 167 -7.94 22.42 -17.57
C THR A 167 -7.52 23.81 -17.10
N LYS A 168 -6.35 24.28 -17.55
CA LYS A 168 -5.89 25.61 -17.18
C LYS A 168 -6.85 26.68 -17.69
N ILE A 169 -7.40 26.48 -18.89
CA ILE A 169 -8.36 27.42 -19.45
C ILE A 169 -9.63 27.46 -18.61
N LEU A 170 -10.13 26.28 -18.23
CA LEU A 170 -11.40 26.18 -17.54
C LEU A 170 -11.32 26.52 -16.05
N GLU A 171 -10.12 26.51 -15.47
CA GLU A 171 -9.96 26.68 -14.03
C GLU A 171 -10.67 27.90 -13.46
N PRO A 172 -10.51 29.12 -13.99
CA PRO A 172 -11.21 30.26 -13.39
C PRO A 172 -12.73 30.16 -13.49
N PHE A 173 -13.26 29.57 -14.57
CA PHE A 173 -14.70 29.45 -14.71
C PHE A 173 -15.27 28.51 -13.65
N ALA A 174 -14.63 27.36 -13.44
CA ALA A 174 -15.13 26.40 -12.47
C ALA A 174 -15.03 26.95 -11.05
N ALA A 175 -13.95 27.66 -10.74
CA ALA A 175 -13.77 28.19 -9.39
C ALA A 175 -14.83 29.22 -9.05
N GLN A 176 -15.19 30.07 -10.01
CA GLN A 176 -16.21 31.09 -9.81
C GLN A 176 -17.61 30.61 -10.16
N ASN A 177 -17.76 29.34 -10.52
CA ASN A 177 -19.07 28.72 -10.73
C ASN A 177 -19.06 27.35 -10.06
N PRO A 178 -19.13 27.32 -8.72
CA PRO A 178 -19.08 26.04 -8.01
C PRO A 178 -20.28 25.15 -8.28
N ASP A 179 -21.43 25.73 -8.66
CA ASP A 179 -22.62 24.97 -8.99
C ASP A 179 -22.60 24.39 -10.41
N ILE A 180 -21.42 24.33 -11.04
CA ILE A 180 -21.28 23.85 -12.40
C ILE A 180 -20.35 22.65 -12.40
N VAL A 181 -20.70 21.65 -13.20
CA VAL A 181 -19.94 20.41 -13.32
C VAL A 181 -19.43 20.30 -14.74
N ILE A 182 -18.13 20.02 -14.88
CA ILE A 182 -17.48 19.96 -16.20
C ILE A 182 -16.65 18.68 -16.27
N TYR A 183 -16.79 17.95 -17.38
CA TYR A 183 -16.04 16.73 -17.61
C TYR A 183 -15.57 16.69 -19.06
N GLN A 184 -14.28 16.46 -19.27
CA GLN A 184 -13.69 16.45 -20.60
C GLN A 184 -13.65 15.02 -21.14
N TYR A 185 -14.06 14.85 -22.40
CA TYR A 185 -14.09 13.54 -23.03
C TYR A 185 -13.81 13.73 -24.52
N MET A 186 -12.55 13.56 -24.91
CA MET A 186 -12.09 13.72 -26.30
C MET A 186 -12.41 15.16 -26.72
N ASP A 187 -13.09 15.38 -27.84
CA ASP A 187 -13.42 16.72 -28.30
C ASP A 187 -14.79 17.20 -27.84
N ASP A 188 -15.32 16.63 -26.76
CA ASP A 188 -16.63 16.99 -26.24
C ASP A 188 -16.51 17.40 -24.78
N LEU A 189 -17.14 18.52 -24.44
CA LEU A 189 -17.22 18.99 -23.06
C LEU A 189 -18.63 18.74 -22.55
N TYR A 190 -18.73 18.05 -21.41
CA TYR A 190 -20.00 17.78 -20.76
C TYR A 190 -20.13 18.73 -19.58
N VAL A 191 -21.08 19.66 -19.67
CA VAL A 191 -21.30 20.68 -18.66
C VAL A 191 -22.66 20.43 -18.04
N GLY A 192 -22.68 20.01 -16.78
CA GLY A 192 -23.93 19.74 -16.09
C GLY A 192 -24.12 20.60 -14.87
N SER A 193 -25.36 20.69 -14.39
CA SER A 193 -25.66 21.48 -13.20
C SER A 193 -26.97 21.01 -12.61
N ASP A 194 -27.21 21.41 -11.37
CA ASP A 194 -28.46 21.16 -10.69
C ASP A 194 -29.38 22.36 -10.70
N LEU A 195 -29.08 23.36 -11.53
CA LEU A 195 -29.89 24.57 -11.62
C LEU A 195 -31.13 24.30 -12.45
N GLU A 196 -32.08 25.22 -12.34
CA GLU A 196 -33.25 25.21 -13.22
C GLU A 196 -32.79 25.37 -14.67
N ILE A 197 -33.65 24.95 -15.60
CA ILE A 197 -33.26 24.87 -17.00
C ILE A 197 -32.97 26.25 -17.58
N GLY A 198 -33.54 27.30 -17.01
CA GLY A 198 -33.30 28.64 -17.48
C GLY A 198 -31.93 29.15 -17.07
N GLN A 199 -31.62 29.06 -15.78
CA GLN A 199 -30.32 29.50 -15.29
C GLN A 199 -29.18 28.61 -15.79
N HIS A 200 -29.47 27.37 -16.19
CA HIS A 200 -28.42 26.49 -16.69
C HIS A 200 -27.84 27.02 -18.00
N ARG A 201 -28.69 27.32 -18.98
CA ARG A 201 -28.20 27.83 -20.25
C ARG A 201 -27.62 29.24 -20.12
N THR A 202 -27.98 29.97 -19.07
CA THR A 202 -27.33 31.24 -18.80
C THR A 202 -25.84 31.03 -18.54
N LYS A 203 -25.49 30.07 -17.68
CA LYS A 203 -24.09 29.80 -17.40
C LYS A 203 -23.40 29.13 -18.57
N ILE A 204 -24.15 28.41 -19.41
CA ILE A 204 -23.56 27.83 -20.61
C ILE A 204 -23.12 28.92 -21.57
N GLU A 205 -23.97 29.95 -21.77
CA GLU A 205 -23.57 31.08 -22.58
C GLU A 205 -22.39 31.83 -21.96
N GLU A 206 -22.34 31.87 -20.63
CA GLU A 206 -21.18 32.44 -19.96
C GLU A 206 -19.93 31.62 -20.22
N LEU A 207 -20.06 30.30 -20.31
CA LEU A 207 -18.92 29.46 -20.63
C LEU A 207 -18.47 29.67 -22.07
N ARG A 208 -19.41 29.82 -23.00
CA ARG A 208 -19.06 30.19 -24.36
C ARG A 208 -18.30 31.50 -24.39
N GLN A 209 -18.71 32.47 -23.57
CA GLN A 209 -18.05 33.76 -23.55
C GLN A 209 -16.65 33.65 -22.96
N HIS A 210 -16.47 32.80 -21.94
CA HIS A 210 -15.14 32.62 -21.35
C HIS A 210 -14.21 31.92 -22.32
N LEU A 211 -14.70 30.88 -23.01
CA LEU A 211 -13.86 30.15 -23.94
C LEU A 211 -13.48 30.97 -25.17
N LEU A 212 -14.25 32.01 -25.48
CA LEU A 212 -13.91 32.86 -26.62
C LEU A 212 -12.71 33.75 -26.32
N ARG A 213 -12.35 33.92 -25.05
CA ARG A 213 -11.16 34.69 -24.70
C ARG A 213 -9.90 34.09 -25.32
N TRP A 214 -9.91 32.77 -25.58
CA TRP A 214 -8.80 32.10 -26.25
C TRP A 214 -9.09 31.82 -27.72
N GLY A 215 -10.10 32.47 -28.28
CA GLY A 215 -10.44 32.26 -29.68
C GLY A 215 -11.06 30.90 -29.95
N LEU A 216 -11.75 30.31 -28.97
CA LEU A 216 -12.32 28.98 -29.08
C LEU A 216 -13.83 29.11 -29.24
N THR A 217 -14.30 28.97 -30.47
CA THR A 217 -15.73 28.97 -30.75
C THR A 217 -16.29 27.59 -30.42
N THR A 218 -17.15 27.53 -29.40
CA THR A 218 -17.67 26.27 -28.88
C THR A 218 -19.19 26.23 -29.05
N PRO A 219 -19.68 25.67 -30.15
CA PRO A 219 -21.13 25.52 -30.33
C PRO A 219 -21.64 24.28 -29.62
N ASP A 220 -22.95 24.20 -29.49
CA ASP A 220 -23.57 23.01 -28.93
C ASP A 220 -23.42 21.84 -29.89
N LYS A 221 -22.99 20.70 -29.38
CA LYS A 221 -22.78 19.53 -30.21
C LYS A 221 -24.06 19.12 -30.91
N LYS A 222 -23.99 18.97 -32.23
CA LYS A 222 -25.15 18.55 -33.00
C LYS A 222 -25.51 17.10 -32.66
N HIS A 223 -26.81 16.80 -32.71
CA HIS A 223 -27.34 15.49 -32.35
C HIS A 223 -26.90 15.10 -30.94
N GLN A 224 -27.36 15.87 -29.97
CA GLN A 224 -27.00 15.63 -28.58
C GLN A 224 -27.48 14.25 -28.15
N LYS A 225 -26.73 13.65 -27.22
CA LYS A 225 -26.95 12.26 -26.85
C LYS A 225 -28.29 12.08 -26.16
N GLU A 226 -29.10 11.16 -26.69
CA GLU A 226 -30.34 10.78 -26.04
C GLU A 226 -30.02 9.93 -24.81
N PRO A 227 -30.72 10.12 -23.71
CA PRO A 227 -30.45 9.30 -22.51
C PRO A 227 -30.80 7.85 -22.76
N PRO A 228 -30.01 6.92 -22.20
CA PRO A 228 -28.87 7.20 -21.33
C PRO A 228 -27.56 7.44 -22.08
N PHE A 229 -26.59 8.03 -21.39
CA PHE A 229 -25.26 8.17 -21.95
C PHE A 229 -24.58 6.81 -22.02
N LEU A 230 -24.04 6.48 -23.19
CA LEU A 230 -23.26 5.27 -23.38
C LEU A 230 -21.79 5.67 -23.28
N TRP A 231 -21.22 5.50 -22.09
CA TRP A 231 -19.90 6.07 -21.78
C TRP A 231 -19.11 5.08 -20.94
N MET A 232 -17.96 4.64 -21.46
CA MET A 232 -17.02 3.81 -20.73
C MET A 232 -17.65 2.53 -20.20
N GLY A 233 -18.66 2.01 -20.90
CA GLY A 233 -19.28 0.77 -20.52
C GLY A 233 -20.49 0.89 -19.62
N TYR A 234 -20.97 2.10 -19.35
CA TYR A 234 -22.10 2.31 -18.47
C TYR A 234 -23.28 2.86 -19.25
N GLU A 235 -24.44 2.89 -18.58
CA GLU A 235 -25.64 3.58 -19.06
C GLU A 235 -25.98 4.64 -18.03
N LEU A 236 -25.68 5.90 -18.35
CA LEU A 236 -25.88 7.00 -17.41
C LEU A 236 -27.24 7.63 -17.68
N HIS A 237 -28.23 7.28 -16.87
CA HIS A 237 -29.53 7.92 -16.89
C HIS A 237 -29.53 9.12 -15.94
N PRO A 238 -30.46 10.06 -16.12
CA PRO A 238 -30.49 11.22 -15.22
C PRO A 238 -30.67 10.86 -13.75
N ASP A 239 -31.34 9.76 -13.44
CA ASP A 239 -31.59 9.37 -12.06
C ASP A 239 -31.06 8.00 -11.68
N LYS A 240 -30.82 7.12 -12.64
CA LYS A 240 -30.26 5.79 -12.38
C LYS A 240 -29.00 5.61 -13.20
N TRP A 241 -28.30 4.50 -12.94
CA TRP A 241 -27.15 4.11 -13.74
C TRP A 241 -27.05 2.59 -13.72
N THR A 242 -26.44 2.04 -14.77
CA THR A 242 -26.21 0.60 -14.84
C THR A 242 -25.09 0.36 -15.84
N VAL A 243 -24.72 -0.90 -15.99
CA VAL A 243 -23.76 -1.32 -16.99
C VAL A 243 -24.50 -1.59 -18.29
N GLN A 244 -23.79 -1.48 -19.40
CA GLN A 244 -24.37 -1.78 -20.69
C GLN A 244 -24.79 -3.25 -20.74
N PRO A 245 -25.80 -3.61 -21.56
CA PRO A 245 -26.40 -4.95 -21.47
C PRO A 245 -25.39 -6.09 -21.48
N ILE A 246 -25.39 -6.86 -20.41
CA ILE A 246 -24.51 -8.02 -20.26
C ILE A 246 -25.30 -9.25 -20.66
N VAL A 247 -24.93 -9.85 -21.79
CA VAL A 247 -25.59 -11.05 -22.31
C VAL A 247 -24.56 -12.18 -22.32
N LEU A 248 -24.94 -13.33 -21.75
CA LEU A 248 -24.05 -14.47 -21.68
C LEU A 248 -24.31 -15.40 -22.84
N PRO A 249 -23.30 -15.73 -23.65
CA PRO A 249 -23.52 -16.63 -24.78
C PRO A 249 -23.79 -18.05 -24.31
N GLU A 250 -24.57 -18.78 -25.10
CA GLU A 250 -24.93 -20.16 -24.80
C GLU A 250 -24.26 -21.03 -25.87
N LYS A 251 -23.06 -21.53 -25.54
CA LYS A 251 -22.26 -22.32 -26.45
C LYS A 251 -22.09 -23.74 -25.90
N ASP A 252 -21.65 -24.63 -26.78
CA ASP A 252 -21.32 -26.00 -26.41
C ASP A 252 -19.82 -26.25 -26.37
N SER A 253 -19.07 -25.63 -27.27
CA SER A 253 -17.61 -25.73 -27.28
C SER A 253 -17.06 -24.46 -26.63
N TRP A 254 -16.66 -24.57 -25.37
CA TRP A 254 -16.16 -23.44 -24.59
C TRP A 254 -14.64 -23.47 -24.58
N THR A 255 -14.03 -22.53 -25.30
CA THR A 255 -12.60 -22.37 -25.29
C THR A 255 -12.19 -21.41 -24.17
N VAL A 256 -10.88 -21.31 -23.94
CA VAL A 256 -10.39 -20.41 -22.90
C VAL A 256 -10.60 -18.95 -23.27
N ASN A 257 -10.71 -18.64 -24.56
CA ASN A 257 -11.02 -17.28 -24.97
C ASN A 257 -12.48 -16.94 -24.65
N ASP A 258 -13.38 -17.92 -24.76
CA ASP A 258 -14.77 -17.69 -24.38
C ASP A 258 -14.90 -17.42 -22.88
N ILE A 259 -14.06 -18.06 -22.06
CA ILE A 259 -14.13 -17.85 -20.62
C ILE A 259 -13.47 -16.53 -20.23
N GLN A 260 -12.39 -16.17 -20.93
CA GLN A 260 -11.74 -14.88 -20.65
C GLN A 260 -12.71 -13.73 -20.90
N LYS A 261 -13.54 -13.84 -21.94
CA LYS A 261 -14.58 -12.85 -22.17
C LYS A 261 -15.81 -13.08 -21.30
N LEU A 262 -15.99 -14.29 -20.79
CA LEU A 262 -17.11 -14.58 -19.90
C LEU A 262 -16.86 -14.04 -18.50
N VAL A 263 -15.67 -14.32 -17.94
CA VAL A 263 -15.33 -13.76 -16.64
C VAL A 263 -15.17 -12.25 -16.72
N GLY A 264 -14.69 -11.74 -17.85
CA GLY A 264 -14.59 -10.30 -18.03
C GLY A 264 -15.95 -9.63 -17.97
N LYS A 265 -16.95 -10.21 -18.64
CA LYS A 265 -18.31 -9.67 -18.55
C LYS A 265 -18.87 -9.86 -17.15
N LEU A 266 -18.57 -11.00 -16.50
CA LEU A 266 -19.07 -11.24 -15.16
C LEU A 266 -18.41 -10.29 -14.15
N ASN A 267 -17.09 -10.06 -14.29
CA ASN A 267 -16.43 -9.10 -13.42
C ASN A 267 -17.01 -7.70 -13.62
N TRP A 268 -17.23 -7.31 -14.88
CA TRP A 268 -17.78 -5.99 -15.16
C TRP A 268 -19.21 -5.87 -14.65
N ALA A 269 -19.98 -6.96 -14.71
CA ALA A 269 -21.36 -6.91 -14.23
C ALA A 269 -21.46 -6.99 -12.70
N SER A 270 -20.40 -7.45 -12.03
CA SER A 270 -20.46 -7.62 -10.58
C SER A 270 -20.47 -6.29 -9.83
N GLN A 271 -20.23 -5.17 -10.51
CA GLN A 271 -20.26 -3.87 -9.85
C GLN A 271 -21.68 -3.34 -9.65
N ILE A 272 -22.69 -4.06 -10.12
CA ILE A 272 -24.07 -3.63 -9.91
C ILE A 272 -24.98 -4.84 -9.70
N TYR A 273 -24.64 -5.96 -10.33
CA TYR A 273 -25.41 -7.19 -10.15
C TYR A 273 -24.90 -7.90 -8.90
N PRO A 274 -25.70 -8.02 -7.84
CA PRO A 274 -25.20 -8.63 -6.60
C PRO A 274 -25.22 -10.15 -6.67
N GLY A 275 -24.21 -10.76 -6.05
CA GLY A 275 -24.13 -12.20 -5.93
C GLY A 275 -23.42 -12.91 -7.06
N ILE A 276 -22.66 -12.20 -7.89
CA ILE A 276 -21.96 -12.81 -9.00
C ILE A 276 -20.73 -13.54 -8.48
N LYS A 277 -20.51 -14.76 -8.97
CA LYS A 277 -19.37 -15.58 -8.59
C LYS A 277 -18.61 -16.03 -9.83
N VAL A 278 -17.28 -16.04 -9.73
CA VAL A 278 -16.42 -16.36 -10.87
C VAL A 278 -15.32 -17.31 -10.48
N ARG A 279 -15.50 -18.04 -9.37
CA ARG A 279 -14.45 -18.93 -8.89
C ARG A 279 -14.26 -20.13 -9.81
N GLN A 280 -15.30 -20.97 -9.92
CA GLN A 280 -15.16 -22.20 -10.68
C GLN A 280 -14.95 -21.94 -12.16
N LEU A 281 -15.40 -20.79 -12.66
CA LEU A 281 -15.22 -20.46 -14.07
C LEU A 281 -13.78 -20.04 -14.37
N SER A 282 -13.26 -19.09 -13.60
CA SER A 282 -11.86 -18.70 -13.75
C SER A 282 -10.89 -19.74 -13.22
N LYS A 283 -11.39 -20.74 -12.47
CA LYS A 283 -10.54 -21.82 -11.98
C LYS A 283 -10.00 -22.66 -13.14
N LEU A 284 -10.59 -22.58 -14.33
CA LEU A 284 -10.22 -23.41 -15.45
C LEU A 284 -9.05 -22.86 -16.25
N LEU A 285 -8.63 -21.62 -16.00
CA LEU A 285 -7.53 -20.98 -16.73
C LEU A 285 -6.30 -20.80 -15.83
N ARG A 286 -5.96 -21.83 -15.05
CA ARG A 286 -4.86 -21.72 -14.10
C ARG A 286 -3.54 -21.44 -14.81
N GLY A 287 -3.24 -22.20 -15.86
CA GLY A 287 -1.98 -22.05 -16.56
C GLY A 287 -2.09 -22.09 -18.07
N THR A 288 -3.31 -21.92 -18.59
CA THR A 288 -3.51 -21.97 -20.03
C THR A 288 -2.98 -20.71 -20.68
N LYS A 289 -2.38 -20.86 -21.86
CA LYS A 289 -1.85 -19.74 -22.62
C LYS A 289 -2.40 -19.73 -24.05
N ALA A 290 -2.63 -20.93 -24.60
CA ALA A 290 -3.20 -21.05 -25.93
C ALA A 290 -4.65 -20.58 -25.90
N LEU A 291 -4.91 -19.41 -26.48
CA LEU A 291 -6.24 -18.80 -26.42
C LEU A 291 -7.29 -19.60 -27.17
N THR A 292 -6.90 -20.57 -27.98
CA THR A 292 -7.85 -21.36 -28.76
C THR A 292 -8.09 -22.74 -28.18
N GLU A 293 -7.48 -23.07 -27.04
CA GLU A 293 -7.66 -24.38 -26.44
C GLU A 293 -9.04 -24.50 -25.81
N VAL A 294 -9.69 -25.64 -26.05
CA VAL A 294 -11.01 -25.93 -25.49
C VAL A 294 -10.82 -26.65 -24.16
N ILE A 295 -11.66 -26.31 -23.18
CA ILE A 295 -11.59 -26.92 -21.85
C ILE A 295 -12.98 -27.38 -21.45
N PRO A 296 -13.14 -28.60 -20.94
CA PRO A 296 -14.45 -29.05 -20.49
C PRO A 296 -14.91 -28.27 -19.27
N LEU A 297 -16.24 -28.16 -19.14
CA LEU A 297 -16.85 -27.41 -18.05
C LEU A 297 -17.16 -28.36 -16.90
N THR A 298 -16.61 -28.07 -15.72
CA THR A 298 -16.87 -28.90 -14.56
C THR A 298 -18.32 -28.71 -14.10
N GLU A 299 -18.81 -29.69 -13.33
CA GLU A 299 -20.16 -29.60 -12.80
C GLU A 299 -20.30 -28.42 -11.84
N GLU A 300 -19.21 -28.01 -11.18
CA GLU A 300 -19.24 -26.81 -10.38
C GLU A 300 -19.25 -25.55 -11.23
N ALA A 301 -18.59 -25.59 -12.40
CA ALA A 301 -18.61 -24.43 -13.29
C ALA A 301 -19.96 -24.28 -13.96
N GLU A 302 -20.58 -25.39 -14.37
CA GLU A 302 -21.92 -25.31 -14.93
C GLU A 302 -22.93 -24.82 -13.92
N LEU A 303 -22.80 -25.28 -12.67
CA LEU A 303 -23.72 -24.82 -11.62
C LEU A 303 -23.48 -23.35 -11.30
N GLU A 304 -22.23 -22.91 -11.34
CA GLU A 304 -21.93 -21.51 -11.08
C GLU A 304 -22.42 -20.61 -12.22
N LEU A 305 -22.20 -21.03 -13.46
CA LEU A 305 -22.72 -20.28 -14.60
C LEU A 305 -24.23 -20.19 -14.58
N ALA A 306 -24.90 -21.25 -14.13
CA ALA A 306 -26.36 -21.23 -14.06
C ALA A 306 -26.86 -20.23 -13.03
N GLU A 307 -26.13 -20.07 -11.92
CA GLU A 307 -26.52 -19.08 -10.93
C GLU A 307 -26.36 -17.66 -11.46
N ASN A 308 -25.38 -17.43 -12.33
CA ASN A 308 -25.15 -16.09 -12.87
C ASN A 308 -26.20 -15.73 -13.91
N ARG A 309 -26.64 -16.70 -14.72
CA ARG A 309 -27.66 -16.41 -15.73
C ARG A 309 -28.96 -15.96 -15.09
N GLU A 310 -29.32 -16.55 -13.95
CA GLU A 310 -30.52 -16.11 -13.24
C GLU A 310 -30.35 -14.70 -12.69
N ILE A 311 -29.15 -14.39 -12.20
CA ILE A 311 -28.89 -13.04 -11.70
C ILE A 311 -28.92 -12.03 -12.84
N LEU A 312 -28.33 -12.38 -13.98
CA LEU A 312 -28.29 -11.50 -15.14
C LEU A 312 -29.57 -11.56 -15.98
N LYS A 313 -30.59 -12.28 -15.51
CA LYS A 313 -31.85 -12.35 -16.26
C LYS A 313 -32.55 -11.00 -16.30
N GLU A 314 -32.70 -10.36 -15.14
CA GLU A 314 -33.36 -9.07 -15.04
C GLU A 314 -32.34 -7.97 -14.82
N PRO A 315 -32.43 -6.86 -15.55
CA PRO A 315 -31.48 -5.77 -15.33
C PRO A 315 -31.78 -5.03 -14.04
N VAL A 316 -30.72 -4.69 -13.32
CA VAL A 316 -30.82 -3.91 -12.09
C VAL A 316 -30.07 -2.60 -12.31
N HIS A 317 -30.44 -1.59 -11.53
CA HIS A 317 -29.88 -0.26 -11.66
C HIS A 317 -29.39 0.24 -10.31
N GLY A 318 -28.38 1.11 -10.37
CA GLY A 318 -27.84 1.74 -9.18
C GLY A 318 -28.24 3.20 -9.09
N VAL A 319 -28.13 3.77 -7.89
CA VAL A 319 -28.49 5.15 -7.66
C VAL A 319 -27.23 6.00 -7.60
N TYR A 320 -27.40 7.32 -7.55
CA TYR A 320 -26.29 8.25 -7.48
C TYR A 320 -26.04 8.68 -6.04
N TYR A 321 -24.89 9.31 -5.82
CA TYR A 321 -24.42 9.59 -4.47
C TYR A 321 -25.10 10.81 -3.88
N ASP A 322 -25.56 10.69 -2.64
CA ASP A 322 -26.11 11.79 -1.86
C ASP A 322 -25.19 12.07 -0.69
N PRO A 323 -24.39 13.14 -0.72
CA PRO A 323 -23.44 13.39 0.38
C PRO A 323 -24.12 13.63 1.72
N SER A 324 -25.40 14.00 1.73
CA SER A 324 -26.08 14.30 2.99
C SER A 324 -26.49 13.05 3.76
N LYS A 325 -26.35 11.87 3.18
CA LYS A 325 -26.74 10.63 3.84
C LYS A 325 -25.52 9.75 4.10
N ASP A 326 -25.67 8.84 5.05
CA ASP A 326 -24.58 7.97 5.45
C ASP A 326 -24.22 7.00 4.32
N LEU A 327 -23.00 6.49 4.39
CA LEU A 327 -22.48 5.48 3.47
C LEU A 327 -22.41 4.16 4.21
N ILE A 328 -23.07 3.13 3.67
CA ILE A 328 -23.21 1.85 4.35
C ILE A 328 -22.78 0.74 3.41
N ALA A 329 -21.98 -0.20 3.93
CA ALA A 329 -21.54 -1.37 3.17
C ALA A 329 -21.90 -2.62 3.94
N GLU A 330 -22.34 -3.65 3.21
CA GLU A 330 -22.81 -4.90 3.81
C GLU A 330 -22.23 -6.07 3.05
N ILE A 331 -21.70 -7.05 3.77
CA ILE A 331 -20.98 -8.18 3.19
C ILE A 331 -21.73 -9.47 3.49
N GLN A 332 -21.68 -10.40 2.53
CA GLN A 332 -22.20 -11.75 2.72
C GLN A 332 -21.17 -12.77 2.25
N LYS A 333 -21.11 -13.90 2.94
CA LYS A 333 -20.24 -15.01 2.57
C LYS A 333 -20.94 -15.90 1.55
N GLN A 334 -20.19 -16.34 0.53
CA GLN A 334 -20.75 -17.17 -0.52
C GLN A 334 -20.15 -18.56 -0.60
N GLY A 335 -19.07 -18.84 0.11
CA GLY A 335 -18.45 -20.15 0.07
C GLY A 335 -17.28 -20.21 -0.90
N GLN A 336 -16.38 -21.16 -0.63
CA GLN A 336 -15.18 -21.38 -1.44
C GLN A 336 -14.34 -20.12 -1.54
N GLY A 337 -14.29 -19.35 -0.46
CA GLY A 337 -13.50 -18.13 -0.43
C GLY A 337 -14.07 -16.99 -1.24
N GLN A 338 -15.38 -16.99 -1.48
CA GLN A 338 -16.03 -15.95 -2.26
C GLN A 338 -16.92 -15.10 -1.38
N TRP A 339 -16.85 -13.79 -1.57
CA TRP A 339 -17.63 -12.83 -0.81
C TRP A 339 -18.23 -11.81 -1.75
N THR A 340 -19.41 -11.31 -1.39
CA THR A 340 -20.10 -10.30 -2.17
C THR A 340 -20.59 -9.21 -1.23
N TYR A 341 -20.66 -7.98 -1.74
CA TYR A 341 -21.00 -6.85 -0.90
C TYR A 341 -21.86 -5.85 -1.67
N GLN A 342 -22.62 -5.06 -0.90
CA GLN A 342 -23.47 -4.01 -1.43
C GLN A 342 -23.19 -2.72 -0.66
N ILE A 343 -23.06 -1.61 -1.39
CA ILE A 343 -22.87 -0.29 -0.81
C ILE A 343 -24.10 0.55 -1.13
N TYR A 344 -24.69 1.13 -0.09
CA TYR A 344 -25.95 1.84 -0.26
C TYR A 344 -26.07 2.93 0.80
N GLN A 345 -27.04 3.82 0.59
CA GLN A 345 -27.43 4.82 1.56
C GLN A 345 -28.86 4.66 2.03
N GLU A 346 -29.77 4.28 1.14
CA GLU A 346 -31.14 3.87 1.42
C GLU A 346 -31.28 2.36 1.25
N PRO A 347 -32.10 1.70 2.05
CA PRO A 347 -32.24 0.24 1.91
C PRO A 347 -32.84 -0.14 0.57
N PHE A 348 -32.40 -1.28 0.04
CA PHE A 348 -32.91 -1.88 -1.19
C PHE A 348 -32.50 -1.09 -2.43
N LYS A 349 -31.89 0.08 -2.25
CA LYS A 349 -31.37 0.88 -3.35
C LYS A 349 -29.86 0.99 -3.20
N ASN A 350 -29.13 0.30 -4.05
CA ASN A 350 -27.67 0.24 -3.95
C ASN A 350 -27.02 1.34 -4.78
N LEU A 351 -25.91 1.86 -4.27
CA LEU A 351 -25.03 2.67 -5.11
C LEU A 351 -24.23 1.79 -6.05
N LYS A 352 -23.69 0.69 -5.54
CA LYS A 352 -22.99 -0.30 -6.35
C LYS A 352 -22.86 -1.57 -5.53
N THR A 353 -22.45 -2.64 -6.20
CA THR A 353 -22.17 -3.92 -5.57
C THR A 353 -20.75 -4.34 -5.93
N GLY A 354 -20.33 -5.49 -5.42
CA GLY A 354 -18.99 -5.97 -5.72
C GLY A 354 -18.78 -7.37 -5.18
N LYS A 355 -17.56 -7.85 -5.34
CA LYS A 355 -17.19 -9.17 -4.87
C LYS A 355 -15.71 -9.20 -4.50
N TYR A 356 -15.34 -10.20 -3.70
CA TYR A 356 -13.96 -10.41 -3.30
C TYR A 356 -13.67 -11.90 -3.28
N ALA A 357 -12.63 -12.31 -4.00
CA ALA A 357 -12.15 -13.68 -3.99
C ALA A 357 -10.93 -13.78 -3.10
N ARG A 358 -10.83 -14.90 -2.38
CA ARG A 358 -9.72 -15.08 -1.45
C ARG A 358 -8.39 -15.14 -2.19
N MET A 359 -7.35 -14.64 -1.53
CA MET A 359 -6.00 -14.73 -2.08
C MET A 359 -5.54 -16.18 -2.13
N ARG A 360 -4.70 -16.49 -3.10
CA ARG A 360 -4.21 -17.85 -3.28
C ARG A 360 -3.21 -18.19 -2.17
N GLY A 361 -3.63 -19.05 -1.24
CA GLY A 361 -2.77 -19.49 -0.16
C GLY A 361 -2.98 -20.96 0.12
N ALA A 362 -2.26 -21.45 1.13
CA ALA A 362 -2.36 -22.86 1.51
C ALA A 362 -3.33 -23.06 2.66
N HIS A 363 -3.38 -22.13 3.61
CA HIS A 363 -4.27 -22.22 4.76
C HIS A 363 -4.91 -20.86 4.99
N THR A 364 -6.16 -20.87 5.44
CA THR A 364 -6.92 -19.64 5.58
C THR A 364 -8.09 -19.87 6.53
N ASN A 365 -8.73 -18.78 6.92
CA ASN A 365 -9.94 -18.83 7.73
C ASN A 365 -10.87 -17.69 7.31
N ASP A 366 -12.16 -17.85 7.62
CA ASP A 366 -13.18 -16.90 7.20
C ASP A 366 -12.93 -15.51 7.79
N VAL A 367 -12.48 -15.46 9.05
CA VAL A 367 -12.26 -14.17 9.70
C VAL A 367 -11.18 -13.39 8.97
N LYS A 368 -10.11 -14.07 8.56
CA LYS A 368 -9.06 -13.40 7.80
C LYS A 368 -9.58 -12.91 6.46
N GLN A 369 -10.41 -13.72 5.79
CA GLN A 369 -10.94 -13.32 4.49
C GLN A 369 -11.91 -12.15 4.63
N LEU A 370 -12.82 -12.23 5.60
CA LEU A 370 -13.74 -11.12 5.84
C LEU A 370 -12.97 -9.83 6.14
N THR A 371 -11.87 -9.94 6.89
CA THR A 371 -11.05 -8.77 7.17
C THR A 371 -10.42 -8.22 5.90
N GLU A 372 -9.91 -9.11 5.05
CA GLU A 372 -9.36 -8.68 3.76
C GLU A 372 -10.43 -7.99 2.92
N ALA A 373 -11.64 -8.54 2.90
CA ALA A 373 -12.72 -7.93 2.14
C ALA A 373 -13.05 -6.53 2.66
N VAL A 374 -12.99 -6.35 3.99
CA VAL A 374 -13.28 -5.04 4.57
C VAL A 374 -12.27 -4.01 4.12
N GLN A 375 -10.98 -4.39 4.09
CA GLN A 375 -9.96 -3.43 3.68
C GLN A 375 -10.08 -3.08 2.20
N LYS A 376 -10.50 -4.04 1.37
CA LYS A 376 -10.72 -3.75 -0.05
C LYS A 376 -11.86 -2.76 -0.23
N ILE A 377 -12.98 -3.00 0.46
CA ILE A 377 -14.12 -2.09 0.36
C ILE A 377 -13.75 -0.72 0.93
N THR A 378 -12.98 -0.69 2.02
CA THR A 378 -12.56 0.58 2.60
C THR A 378 -11.74 1.39 1.61
N THR A 379 -10.80 0.75 0.93
CA THR A 379 -9.97 1.46 -0.04
C THR A 379 -10.79 1.88 -1.25
N GLU A 380 -11.70 1.02 -1.70
CA GLU A 380 -12.54 1.37 -2.86
C GLU A 380 -13.45 2.54 -2.52
N SER A 381 -13.97 2.58 -1.28
CA SER A 381 -14.92 3.63 -0.92
C SER A 381 -14.23 4.99 -0.83
N ILE A 382 -12.99 5.01 -0.33
CA ILE A 382 -12.26 6.28 -0.28
C ILE A 382 -11.96 6.78 -1.68
N VAL A 383 -11.70 5.86 -2.62
CA VAL A 383 -11.54 6.25 -4.02
C VAL A 383 -12.83 6.88 -4.54
N ILE A 384 -13.94 6.17 -4.41
CA ILE A 384 -15.18 6.57 -5.07
C ILE A 384 -15.83 7.75 -4.36
N TRP A 385 -15.86 7.75 -3.02
CA TRP A 385 -16.61 8.74 -2.28
C TRP A 385 -15.78 9.61 -1.35
N GLY A 386 -14.53 9.24 -1.08
CA GLY A 386 -13.70 10.04 -0.19
C GLY A 386 -13.94 9.81 1.28
N LYS A 387 -14.55 8.69 1.66
CA LYS A 387 -14.80 8.39 3.06
C LYS A 387 -14.98 6.89 3.22
N THR A 388 -14.86 6.44 4.47
CA THR A 388 -15.05 5.05 4.86
C THR A 388 -16.50 4.80 5.21
N PRO A 389 -17.12 3.73 4.70
CA PRO A 389 -18.52 3.46 5.01
C PRO A 389 -18.69 2.70 6.32
N LYS A 390 -19.89 2.79 6.87
CA LYS A 390 -20.27 1.92 7.98
C LYS A 390 -20.48 0.50 7.46
N PHE A 391 -19.96 -0.47 8.18
CA PHE A 391 -20.00 -1.85 7.75
C PHE A 391 -21.08 -2.63 8.48
N LYS A 392 -21.78 -3.49 7.73
CA LYS A 392 -22.71 -4.47 8.27
C LYS A 392 -22.09 -5.84 8.01
N LEU A 393 -21.70 -6.54 9.07
CA LEU A 393 -20.92 -7.75 8.90
C LEU A 393 -21.63 -8.96 9.48
N PRO A 394 -21.55 -10.12 8.82
CA PRO A 394 -22.15 -11.36 9.36
C PRO A 394 -21.23 -12.07 10.34
N ILE A 395 -20.95 -11.39 11.46
CA ILE A 395 -20.08 -11.94 12.50
C ILE A 395 -20.47 -11.29 13.82
N GLN A 396 -20.58 -12.12 14.87
CA GLN A 396 -20.97 -11.60 16.17
C GLN A 396 -19.89 -10.69 16.74
N LYS A 397 -20.33 -9.67 17.49
CA LYS A 397 -19.40 -8.81 18.19
C LYS A 397 -18.49 -9.60 19.12
N GLU A 398 -19.05 -10.59 19.81
CA GLU A 398 -18.24 -11.43 20.71
C GLU A 398 -17.23 -12.25 19.91
N THR A 399 -17.62 -12.76 18.75
CA THR A 399 -16.71 -13.54 17.93
C THR A 399 -15.50 -12.71 17.49
N TRP A 400 -15.74 -11.48 17.05
CA TRP A 400 -14.64 -10.62 16.63
C TRP A 400 -13.74 -10.25 17.79
N GLU A 401 -14.34 -9.87 18.92
CA GLU A 401 -13.55 -9.53 20.11
C GLU A 401 -12.64 -10.69 20.53
N THR A 402 -13.18 -11.91 20.52
CA THR A 402 -12.37 -13.07 20.88
C THR A 402 -11.25 -13.29 19.86
N TRP A 403 -11.53 -13.01 18.58
CA TRP A 403 -10.55 -13.28 17.53
C TRP A 403 -9.35 -12.34 17.64
N TRP A 404 -9.61 -11.02 17.65
CA TRP A 404 -8.50 -10.08 17.53
C TRP A 404 -7.69 -9.98 18.82
N THR A 405 -8.30 -10.23 19.98
CA THR A 405 -7.56 -10.21 21.22
C THR A 405 -6.63 -11.41 21.36
N GLU A 406 -6.88 -12.50 20.63
CA GLU A 406 -6.06 -13.70 20.71
C GLU A 406 -5.21 -13.94 19.48
N TYR A 407 -5.52 -13.30 18.35
CA TYR A 407 -4.72 -13.46 17.15
C TYR A 407 -3.31 -12.89 17.37
N TRP A 408 -2.32 -13.56 16.78
CA TRP A 408 -0.94 -13.14 16.98
C TRP A 408 -0.58 -11.90 16.17
N GLN A 409 -1.27 -11.62 15.08
CA GLN A 409 -1.05 -10.40 14.32
C GLN A 409 -1.92 -9.27 14.84
N ALA A 410 -1.48 -8.05 14.60
CA ALA A 410 -2.33 -6.89 14.81
C ALA A 410 -3.38 -6.82 13.71
N THR A 411 -4.63 -6.56 14.10
CA THR A 411 -5.70 -6.48 13.12
C THR A 411 -6.76 -5.51 13.61
N TRP A 412 -7.55 -5.00 12.67
CA TRP A 412 -8.51 -3.96 12.97
C TRP A 412 -9.46 -3.79 11.79
N ILE A 413 -10.74 -3.67 12.08
CA ILE A 413 -11.74 -3.31 11.07
C ILE A 413 -12.45 -2.05 11.54
N PRO A 414 -12.81 -1.13 10.64
CA PRO A 414 -13.46 0.12 11.08
C PRO A 414 -14.86 -0.10 11.64
N GLU A 415 -15.53 1.00 11.97
CA GLU A 415 -16.84 0.95 12.62
C GLU A 415 -17.79 0.01 11.88
N TRP A 416 -18.33 -0.96 12.62
CA TRP A 416 -19.15 -2.00 12.03
C TRP A 416 -20.16 -2.47 13.06
N GLU A 417 -21.21 -3.12 12.57
CA GLU A 417 -22.21 -3.72 13.44
C GLU A 417 -22.68 -5.04 12.85
N PHE A 418 -23.14 -5.92 13.72
CA PHE A 418 -23.52 -7.27 13.32
C PHE A 418 -24.85 -7.27 12.58
N VAL A 419 -24.89 -8.04 11.49
CA VAL A 419 -26.13 -8.27 10.74
C VAL A 419 -26.33 -9.78 10.67
N ASN A 420 -27.49 -10.25 11.14
CA ASN A 420 -27.77 -11.68 11.24
C ASN A 420 -28.22 -12.21 9.88
N THR A 421 -27.24 -12.35 8.99
CA THR A 421 -27.46 -12.89 7.65
C THR A 421 -26.60 -14.14 7.49
N PRO A 422 -27.14 -15.32 7.70
CA PRO A 422 -26.35 -16.56 7.56
C PRO A 422 -25.90 -16.75 6.12
N PRO A 423 -24.79 -17.49 5.89
CA PRO A 423 -23.97 -18.12 6.93
C PRO A 423 -23.06 -17.13 7.67
N LEU A 424 -23.02 -17.26 8.99
CA LEU A 424 -22.26 -16.35 9.84
C LEU A 424 -20.81 -16.80 9.95
N VAL A 425 -19.90 -15.83 9.97
CA VAL A 425 -18.49 -16.12 10.22
C VAL A 425 -18.31 -16.49 11.69
N LYS A 426 -17.67 -17.63 11.93
CA LYS A 426 -17.54 -18.17 13.28
C LYS A 426 -16.10 -18.61 13.52
N LEU A 427 -15.75 -18.70 14.80
CA LEU A 427 -14.52 -19.35 15.22
C LEU A 427 -14.82 -20.82 15.47
N TRP A 428 -14.18 -21.70 14.69
CA TRP A 428 -14.51 -23.11 14.74
C TRP A 428 -13.75 -23.89 15.79
N TYR A 429 -12.60 -23.38 16.25
CA TYR A 429 -11.89 -23.99 17.37
C TYR A 429 -11.02 -22.94 18.02
N GLN A 430 -10.76 -23.12 19.31
CA GLN A 430 -9.91 -22.23 20.09
C GLN A 430 -9.04 -23.07 21.03
N LEU A 431 -7.73 -22.99 20.84
CA LEU A 431 -6.82 -23.76 21.68
C LEU A 431 -6.75 -23.18 23.09
N GLU A 432 -6.36 -24.02 24.03
CA GLU A 432 -6.24 -23.61 25.42
C GLU A 432 -4.91 -22.86 25.65
N LYS A 433 -4.88 -22.09 26.73
CA LYS A 433 -3.68 -21.32 27.07
C LYS A 433 -2.81 -22.05 28.08
N GLU A 434 -3.40 -22.85 28.95
CA GLU A 434 -2.69 -23.64 29.94
C GLU A 434 -3.01 -25.12 29.76
N PRO A 435 -2.15 -26.02 30.23
CA PRO A 435 -2.46 -27.45 30.15
C PRO A 435 -3.75 -27.78 30.89
N ILE A 436 -4.40 -28.86 30.46
CA ILE A 436 -5.71 -29.25 30.95
C ILE A 436 -5.54 -30.30 32.03
N VAL A 437 -6.00 -29.98 33.24
CA VAL A 437 -5.93 -30.91 34.36
C VAL A 437 -6.89 -32.06 34.13
N GLY A 438 -6.40 -33.30 34.27
CA GLY A 438 -7.22 -34.48 34.11
C GLY A 438 -7.34 -35.00 32.69
N ALA A 439 -6.81 -34.28 31.70
CA ALA A 439 -6.86 -34.74 30.32
C ALA A 439 -5.61 -35.54 29.97
N GLU A 440 -5.80 -36.60 29.18
CA GLU A 440 -4.69 -37.45 28.79
C GLU A 440 -3.66 -36.65 27.98
N THR A 441 -2.38 -36.99 28.18
CA THR A 441 -1.27 -36.24 27.58
C THR A 441 -0.61 -37.10 26.49
N PHE A 442 -0.77 -36.68 25.23
CA PHE A 442 -0.25 -37.39 24.08
C PHE A 442 1.06 -36.77 23.64
N TYR A 443 2.14 -37.56 23.65
CA TYR A 443 3.41 -37.16 23.07
C TYR A 443 3.50 -37.73 21.67
N VAL A 444 3.54 -36.86 20.66
CA VAL A 444 3.50 -37.28 19.27
C VAL A 444 4.85 -37.02 18.62
N ASP A 445 5.12 -37.76 17.54
CA ASP A 445 6.30 -37.54 16.72
C ASP A 445 6.16 -38.31 15.42
N GLY A 446 6.84 -37.82 14.38
CA GLY A 446 6.90 -38.51 13.11
C GLY A 446 8.29 -38.37 12.50
N ALA A 447 8.54 -39.20 11.50
CA ALA A 447 9.85 -39.22 10.84
C ALA A 447 9.73 -39.97 9.53
N ALA A 448 10.53 -39.57 8.55
CA ALA A 448 10.50 -40.20 7.24
C ALA A 448 11.90 -40.20 6.65
N ASN A 449 12.19 -41.22 5.84
CA ASN A 449 13.46 -41.33 5.15
C ASN A 449 13.37 -40.60 3.82
N ARG A 450 14.25 -39.61 3.62
CA ARG A 450 14.13 -38.75 2.44
C ARG A 450 14.36 -39.53 1.15
N GLU A 451 15.16 -40.59 1.19
CA GLU A 451 15.44 -41.36 -0.01
C GLU A 451 14.29 -42.33 -0.33
N THR A 452 13.94 -43.19 0.62
CA THR A 452 12.92 -44.21 0.38
C THR A 452 11.50 -43.68 0.51
N LYS A 453 11.32 -42.47 1.06
CA LYS A 453 10.01 -41.87 1.29
C LYS A 453 9.15 -42.65 2.27
N LEU A 454 9.74 -43.61 2.99
CA LEU A 454 9.03 -44.38 4.00
C LEU A 454 9.12 -43.68 5.35
N GLY A 455 8.00 -43.65 6.08
CA GLY A 455 7.95 -42.92 7.33
C GLY A 455 7.08 -43.61 8.37
N LYS A 456 7.14 -43.07 9.59
CA LYS A 456 6.34 -43.54 10.70
C LYS A 456 5.78 -42.33 11.44
N ALA A 457 4.65 -42.55 12.11
CA ALA A 457 4.01 -41.50 12.88
C ALA A 457 3.19 -42.15 13.99
N GLY A 458 3.14 -41.50 15.15
CA GLY A 458 2.37 -42.04 16.24
C GLY A 458 2.56 -41.24 17.51
N TYR A 459 2.05 -41.81 18.61
CA TYR A 459 2.01 -41.12 19.90
C TYR A 459 2.29 -42.11 21.02
N VAL A 460 2.62 -41.57 22.19
CA VAL A 460 2.66 -42.29 23.44
C VAL A 460 2.06 -41.39 24.51
N THR A 461 1.27 -41.97 25.41
CA THR A 461 0.54 -41.18 26.40
C THR A 461 0.90 -41.59 27.81
N ASN A 462 0.46 -40.77 28.77
CA ASN A 462 0.74 -41.00 30.18
C ASN A 462 -0.08 -42.16 30.77
N LYS A 463 -1.09 -42.64 30.06
CA LYS A 463 -1.87 -43.79 30.50
C LYS A 463 -1.37 -45.09 29.87
N GLY A 464 -0.25 -45.06 29.16
CA GLY A 464 0.27 -46.22 28.49
C GLY A 464 -0.23 -46.42 27.07
N ARG A 465 -1.18 -45.60 26.62
CA ARG A 465 -1.68 -45.73 25.27
C ARG A 465 -0.58 -45.41 24.26
N GLN A 466 -0.49 -46.24 23.22
CA GLN A 466 0.55 -46.07 22.20
C GLN A 466 -0.02 -46.42 20.83
N LYS A 467 0.53 -45.78 19.80
CA LYS A 467 0.25 -46.15 18.42
C LYS A 467 1.42 -45.67 17.56
N VAL A 468 1.83 -46.53 16.62
CA VAL A 468 2.83 -46.17 15.60
C VAL A 468 2.32 -46.75 14.29
N VAL A 469 2.18 -45.90 13.28
CA VAL A 469 1.60 -46.28 12.00
C VAL A 469 2.68 -46.19 10.93
N PRO A 470 2.87 -47.23 10.12
CA PRO A 470 3.83 -47.14 9.02
C PRO A 470 3.22 -46.40 7.83
N LEU A 471 4.05 -45.56 7.19
CA LEU A 471 3.59 -44.69 6.12
C LEU A 471 4.51 -44.83 4.91
N THR A 472 3.92 -44.76 3.73
CA THR A 472 4.64 -44.83 2.46
C THR A 472 4.43 -43.53 1.69
N ASN A 473 5.47 -43.14 0.94
CA ASN A 473 5.48 -41.90 0.16
C ASN A 473 5.07 -40.71 1.03
N THR A 474 5.97 -40.37 1.94
CA THR A 474 5.73 -39.31 2.90
C THR A 474 7.01 -38.52 3.12
N THR A 475 6.88 -37.42 3.86
CA THR A 475 8.00 -36.55 4.19
C THR A 475 8.04 -36.36 5.70
N ASN A 476 9.10 -35.71 6.17
CA ASN A 476 9.21 -35.42 7.60
C ASN A 476 8.07 -34.53 8.06
N GLN A 477 7.80 -33.44 7.34
CA GLN A 477 6.72 -32.55 7.71
C GLN A 477 5.36 -33.26 7.66
N LYS A 478 5.18 -34.17 6.70
CA LYS A 478 3.91 -34.86 6.58
C LYS A 478 3.66 -35.80 7.75
N THR A 479 4.69 -36.56 8.17
CA THR A 479 4.52 -37.46 9.30
C THR A 479 4.31 -36.69 10.60
N GLU A 480 4.81 -35.46 10.70
CA GLU A 480 4.60 -34.67 11.90
C GLU A 480 3.14 -34.25 12.04
N LEU A 481 2.50 -33.88 10.93
CA LEU A 481 1.08 -33.56 10.97
C LEU A 481 0.25 -34.82 11.19
N GLN A 482 0.66 -35.94 10.59
CA GLN A 482 -0.05 -37.20 10.77
C GLN A 482 -0.06 -37.62 12.24
N ALA A 483 1.07 -37.43 12.92
CA ALA A 483 1.15 -37.82 14.34
C ALA A 483 0.15 -37.03 15.18
N ILE A 484 0.00 -35.73 14.90
CA ILE A 484 -0.97 -34.93 15.64
C ILE A 484 -2.39 -35.37 15.31
N TYR A 485 -2.65 -35.69 14.04
CA TYR A 485 -3.97 -36.18 13.65
C TYR A 485 -4.32 -37.46 14.41
N LEU A 486 -3.37 -38.38 14.53
CA LEU A 486 -3.64 -39.63 15.25
C LEU A 486 -3.96 -39.37 16.71
N ALA A 487 -3.31 -38.37 17.32
CA ALA A 487 -3.55 -38.08 18.73
C ALA A 487 -4.95 -37.52 18.94
N LEU A 488 -5.41 -36.65 18.03
CA LEU A 488 -6.77 -36.15 18.12
C LEU A 488 -7.79 -37.25 17.85
N GLN A 489 -7.47 -38.18 16.96
CA GLN A 489 -8.43 -39.22 16.62
C GLN A 489 -8.68 -40.18 17.77
N ASP A 490 -7.63 -40.51 18.53
CA ASP A 490 -7.72 -41.54 19.55
C ASP A 490 -7.81 -40.98 20.98
N SER A 491 -8.09 -39.69 21.13
CA SER A 491 -8.22 -39.09 22.46
C SER A 491 -9.68 -38.76 22.74
N GLY A 492 -9.97 -38.49 24.01
CA GLY A 492 -11.30 -38.09 24.43
C GLY A 492 -11.62 -36.66 24.07
N LEU A 493 -12.62 -36.11 24.76
CA LEU A 493 -13.07 -34.75 24.47
C LEU A 493 -12.03 -33.70 24.85
N GLU A 494 -11.18 -34.00 25.83
CA GLU A 494 -10.11 -33.10 26.24
C GLU A 494 -8.78 -33.82 26.12
N VAL A 495 -7.75 -33.11 25.66
CA VAL A 495 -6.48 -33.74 25.35
C VAL A 495 -5.37 -32.70 25.39
N ASN A 496 -4.24 -33.07 25.97
CA ASN A 496 -2.99 -32.32 25.86
C ASN A 496 -2.10 -33.02 24.85
N ILE A 497 -1.55 -32.26 23.91
CA ILE A 497 -0.72 -32.80 22.83
C ILE A 497 0.64 -32.12 22.89
N VAL A 498 1.70 -32.92 22.87
CA VAL A 498 3.08 -32.42 22.99
C VAL A 498 3.84 -32.84 21.74
N THR A 499 4.26 -31.85 20.95
CA THR A 499 5.00 -32.08 19.72
C THR A 499 6.27 -31.25 19.74
N ASP A 500 7.23 -31.64 18.89
CA ASP A 500 8.43 -30.86 18.66
C ASP A 500 8.46 -30.24 17.26
N SER A 501 7.35 -30.28 16.54
CA SER A 501 7.31 -29.82 15.15
C SER A 501 7.05 -28.33 15.12
N GLN A 502 8.09 -27.54 14.81
CA GLN A 502 7.90 -26.12 14.59
C GLN A 502 7.02 -25.87 13.37
N TYR A 503 7.14 -26.73 12.36
CA TYR A 503 6.30 -26.62 11.16
C TYR A 503 4.83 -26.76 11.51
N ALA A 504 4.48 -27.80 12.27
CA ALA A 504 3.07 -28.01 12.62
C ALA A 504 2.55 -26.89 13.51
N LEU A 505 3.39 -26.40 14.43
CA LEU A 505 2.98 -25.27 15.26
C LEU A 505 2.62 -24.06 14.41
N GLY A 506 3.47 -23.75 13.42
CA GLY A 506 3.21 -22.57 12.60
C GLY A 506 1.91 -22.65 11.84
N ILE A 507 1.54 -23.85 11.39
CA ILE A 507 0.27 -24.02 10.69
C ILE A 507 -0.89 -23.85 11.65
N ILE A 508 -0.85 -24.56 12.78
CA ILE A 508 -1.98 -24.52 13.72
C ILE A 508 -2.11 -23.16 14.37
N GLN A 509 -0.98 -22.51 14.66
CA GLN A 509 -1.03 -21.18 15.27
C GLN A 509 -1.54 -20.11 14.31
N ALA A 510 -1.63 -20.41 13.02
CA ALA A 510 -2.28 -19.51 12.08
C ALA A 510 -3.80 -19.64 12.13
N GLN A 511 -4.31 -20.65 12.83
CA GLN A 511 -5.75 -20.86 13.00
C GLN A 511 -6.51 -20.94 11.67
N PRO A 512 -6.23 -21.93 10.83
CA PRO A 512 -7.04 -22.11 9.62
C PRO A 512 -8.24 -23.01 9.87
N ASP A 513 -9.31 -22.72 9.13
CA ASP A 513 -10.50 -23.57 9.13
C ASP A 513 -10.68 -24.32 7.81
N LYS A 514 -9.75 -24.16 6.87
CA LYS A 514 -9.77 -24.86 5.61
C LYS A 514 -8.36 -24.81 5.03
N SER A 515 -8.01 -25.83 4.25
CA SER A 515 -6.65 -25.94 3.74
C SER A 515 -6.66 -26.64 2.40
N GLU A 516 -5.61 -26.39 1.61
CA GLU A 516 -5.40 -27.16 0.40
C GLU A 516 -4.91 -28.56 0.71
N SER A 517 -4.19 -28.73 1.82
CA SER A 517 -3.75 -30.04 2.27
C SER A 517 -4.91 -30.81 2.87
N GLU A 518 -5.14 -32.03 2.37
CA GLU A 518 -6.20 -32.86 2.90
C GLU A 518 -5.91 -33.29 4.34
N LEU A 519 -4.64 -33.50 4.67
CA LEU A 519 -4.29 -33.89 6.03
C LEU A 519 -4.59 -32.78 7.03
N VAL A 520 -4.31 -31.52 6.65
CA VAL A 520 -4.60 -30.40 7.54
C VAL A 520 -6.10 -30.25 7.74
N ASN A 521 -6.89 -30.48 6.69
CA ASN A 521 -8.34 -30.40 6.83
C ASN A 521 -8.87 -31.46 7.78
N GLN A 522 -8.28 -32.67 7.73
CA GLN A 522 -8.69 -33.71 8.67
C GLN A 522 -8.38 -33.32 10.10
N ILE A 523 -7.24 -32.66 10.31
CA ILE A 523 -6.88 -32.16 11.64
C ILE A 523 -7.90 -31.12 12.10
N ILE A 524 -8.29 -30.22 11.20
CA ILE A 524 -9.28 -29.19 11.55
C ILE A 524 -10.61 -29.84 11.92
N GLU A 525 -11.04 -30.84 11.14
CA GLU A 525 -12.27 -31.55 11.47
C GLU A 525 -12.19 -32.19 12.85
N GLN A 526 -11.00 -32.68 13.23
CA GLN A 526 -10.84 -33.28 14.54
C GLN A 526 -10.86 -32.23 15.65
N LEU A 527 -10.25 -31.07 15.39
CA LEU A 527 -10.23 -30.00 16.39
C LEU A 527 -11.64 -29.53 16.72
N ILE A 528 -12.50 -29.40 15.71
CA ILE A 528 -13.86 -28.92 15.91
C ILE A 528 -14.65 -29.84 16.83
N LYS A 529 -14.33 -31.14 16.81
CA LYS A 529 -15.08 -32.10 17.62
C LYS A 529 -14.69 -32.06 19.09
N LYS A 530 -13.52 -31.51 19.42
CA LYS A 530 -13.03 -31.58 20.79
C LYS A 530 -13.67 -30.50 21.65
N GLU A 531 -13.58 -30.69 22.97
CA GLU A 531 -13.98 -29.68 23.94
C GLU A 531 -12.82 -28.76 24.30
N LYS A 532 -11.66 -29.34 24.64
CA LYS A 532 -10.48 -28.59 24.99
C LYS A 532 -9.26 -29.26 24.38
N VAL A 533 -8.38 -28.45 23.78
CA VAL A 533 -7.14 -28.94 23.19
C VAL A 533 -6.02 -27.99 23.59
N TYR A 534 -5.03 -28.51 24.31
CA TYR A 534 -3.82 -27.77 24.63
C TYR A 534 -2.67 -28.34 23.81
N LEU A 535 -2.01 -27.48 23.03
CA LEU A 535 -0.92 -27.88 22.16
C LEU A 535 0.38 -27.28 22.69
N ALA A 536 1.30 -28.14 23.10
CA ALA A 536 2.57 -27.74 23.70
C ALA A 536 3.72 -28.06 22.75
N TRP A 537 4.75 -27.21 22.77
CA TRP A 537 5.94 -27.40 21.95
C TRP A 537 7.16 -27.64 22.82
N VAL A 538 8.02 -28.55 22.38
CA VAL A 538 9.29 -28.82 23.05
C VAL A 538 10.38 -28.96 22.02
N PRO A 539 11.61 -28.59 22.38
CA PRO A 539 12.74 -28.81 21.46
C PRO A 539 12.99 -30.30 21.26
N ALA A 540 13.39 -30.67 20.05
CA ALA A 540 13.63 -32.05 19.71
C ALA A 540 15.05 -32.47 20.07
N HIS A 541 15.23 -33.78 20.24
CA HIS A 541 16.55 -34.39 20.49
C HIS A 541 17.24 -33.78 21.70
N LYS A 542 16.47 -33.54 22.77
CA LYS A 542 16.99 -32.95 23.99
C LYS A 542 16.71 -33.80 25.22
N GLY A 543 16.50 -35.10 25.04
CA GLY A 543 16.29 -35.99 26.17
C GLY A 543 15.01 -35.73 26.93
N ILE A 544 14.01 -35.12 26.30
CA ILE A 544 12.75 -34.83 26.96
C ILE A 544 11.93 -36.11 27.04
N GLY A 545 11.49 -36.46 28.24
CA GLY A 545 10.74 -37.69 28.43
C GLY A 545 9.45 -37.70 27.62
N GLY A 546 9.07 -38.89 27.18
CA GLY A 546 7.91 -39.03 26.30
C GLY A 546 8.20 -38.62 24.88
N ASN A 547 8.72 -37.41 24.68
CA ASN A 547 9.16 -36.99 23.36
C ASN A 547 10.28 -37.87 22.83
N GLU A 548 11.25 -38.20 23.70
CA GLU A 548 12.38 -39.03 23.26
C GLU A 548 11.96 -40.47 23.08
N GLN A 549 10.96 -40.93 23.83
CA GLN A 549 10.48 -42.31 23.67
C GLN A 549 9.80 -42.51 22.32
N VAL A 550 8.89 -41.60 21.96
CA VAL A 550 8.20 -41.71 20.68
C VAL A 550 9.12 -41.34 19.53
N ASP A 551 10.15 -40.53 19.77
CA ASP A 551 11.13 -40.23 18.72
C ASP A 551 11.88 -41.48 18.30
N LYS A 552 12.21 -42.34 19.27
CA LYS A 552 12.91 -43.59 18.94
C LYS A 552 11.98 -44.59 18.27
N LEU A 553 10.67 -44.49 18.51
CA LEU A 553 9.72 -45.41 17.92
C LEU A 553 9.42 -45.09 16.46
N VAL A 554 9.54 -43.82 16.06
CA VAL A 554 9.17 -43.43 14.71
C VAL A 554 10.37 -43.39 13.76
N SER A 555 11.60 -43.37 14.28
CA SER A 555 12.79 -43.29 13.45
C SER A 555 13.27 -44.65 12.94
N ALA A 556 12.47 -45.70 13.14
CA ALA A 556 12.80 -47.04 12.68
C ALA A 556 14.16 -47.50 13.19
N PRO B 4 20.20 33.57 2.23
CA PRO B 4 19.99 32.41 1.37
C PRO B 4 19.74 32.81 -0.09
N ILE B 5 20.81 33.06 -0.82
CA ILE B 5 20.70 33.54 -2.20
C ILE B 5 21.01 32.41 -3.17
N GLU B 6 22.20 31.83 -3.05
CA GLU B 6 22.63 30.79 -3.98
C GLU B 6 22.08 29.43 -3.56
N THR B 7 21.95 28.54 -4.55
CA THR B 7 21.46 27.20 -4.34
C THR B 7 22.59 26.19 -4.53
N VAL B 8 22.64 25.20 -3.65
CA VAL B 8 23.68 24.17 -3.73
C VAL B 8 23.33 23.20 -4.86
N PRO B 9 24.26 22.91 -5.77
CA PRO B 9 23.95 21.98 -6.88
C PRO B 9 23.86 20.55 -6.37
N VAL B 10 22.68 19.95 -6.51
CA VAL B 10 22.44 18.58 -6.11
C VAL B 10 21.89 17.80 -7.29
N LYS B 11 22.04 16.48 -7.23
CA LYS B 11 21.58 15.61 -8.31
C LYS B 11 21.24 14.25 -7.71
N LEU B 12 20.94 13.29 -8.59
CA LEU B 12 20.59 11.94 -8.18
C LEU B 12 21.82 11.04 -8.24
N LYS B 13 21.61 9.76 -7.96
CA LYS B 13 22.68 8.78 -8.07
C LYS B 13 22.91 8.42 -9.54
N PRO B 14 24.15 8.07 -9.89
CA PRO B 14 24.44 7.72 -11.29
C PRO B 14 23.53 6.63 -11.82
N GLY B 15 22.90 6.90 -12.98
CA GLY B 15 22.05 5.92 -13.62
C GLY B 15 20.71 5.71 -12.95
N MET B 16 20.21 6.72 -12.23
CA MET B 16 18.92 6.62 -11.56
C MET B 16 18.04 7.79 -11.99
N ASP B 17 16.75 7.50 -12.16
CA ASP B 17 15.78 8.50 -12.54
C ASP B 17 15.03 9.01 -11.31
N GLY B 18 14.20 10.03 -11.53
CA GLY B 18 13.41 10.60 -10.46
C GLY B 18 12.37 9.64 -9.93
N PRO B 19 11.77 10.00 -8.79
CA PRO B 19 10.74 9.12 -8.20
C PRO B 19 9.44 9.21 -8.97
N LYS B 20 8.83 8.07 -9.25
CA LYS B 20 7.54 7.99 -9.91
C LYS B 20 6.62 7.10 -9.07
N VAL B 21 6.23 7.60 -7.90
CA VAL B 21 5.47 6.83 -6.92
C VAL B 21 4.00 7.23 -7.00
N LYS B 22 3.13 6.24 -6.99
CA LYS B 22 1.70 6.48 -7.11
C LYS B 22 1.15 7.12 -5.83
N GLN B 23 0.31 8.14 -5.99
CA GLN B 23 -0.36 8.76 -4.86
C GLN B 23 -1.53 7.89 -4.44
N TRP B 24 -1.54 7.48 -3.16
CA TRP B 24 -2.62 6.65 -2.67
C TRP B 24 -3.84 7.51 -2.34
N PRO B 25 -5.03 6.90 -2.30
CA PRO B 25 -6.25 7.68 -2.07
C PRO B 25 -6.25 8.35 -0.70
N LEU B 26 -6.96 9.47 -0.62
CA LEU B 26 -7.11 10.22 0.62
C LEU B 26 -8.58 10.55 0.85
N THR B 27 -8.95 10.61 2.13
CA THR B 27 -10.29 11.04 2.49
C THR B 27 -10.51 12.51 2.11
N GLU B 28 -11.78 12.89 2.01
CA GLU B 28 -12.12 14.25 1.62
C GLU B 28 -11.61 15.27 2.64
N GLU B 29 -11.65 14.91 3.93
CA GLU B 29 -11.17 15.84 4.96
C GLU B 29 -9.69 16.12 4.80
N LYS B 30 -8.89 15.11 4.44
CA LYS B 30 -7.46 15.31 4.27
C LYS B 30 -7.13 16.02 2.97
N ILE B 31 -7.92 15.78 1.92
CA ILE B 31 -7.72 16.52 0.67
C ILE B 31 -8.01 18.00 0.88
N LYS B 32 -9.10 18.31 1.58
CA LYS B 32 -9.43 19.71 1.84
C LYS B 32 -8.35 20.41 2.66
N ALA B 33 -7.75 19.68 3.61
CA ALA B 33 -6.69 20.27 4.41
C ALA B 33 -5.45 20.53 3.57
N LEU B 34 -5.07 19.58 2.70
CA LEU B 34 -3.91 19.78 1.84
C LEU B 34 -4.13 20.92 0.86
N VAL B 35 -5.36 21.13 0.39
CA VAL B 35 -5.63 22.22 -0.54
C VAL B 35 -5.38 23.56 0.12
N GLU B 36 -5.87 23.74 1.36
CA GLU B 36 -5.66 25.00 2.06
C GLU B 36 -4.18 25.22 2.38
N ILE B 37 -3.49 24.17 2.79
CA ILE B 37 -2.07 24.29 3.12
C ILE B 37 -1.27 24.67 1.89
N CYS B 38 -1.53 24.00 0.77
CA CYS B 38 -0.75 24.24 -0.44
C CYS B 38 -1.11 25.59 -1.07
N THR B 39 -2.33 26.08 -0.87
CA THR B 39 -2.68 27.40 -1.35
C THR B 39 -1.87 28.48 -0.65
N GLU B 40 -1.67 28.33 0.67
CA GLU B 40 -0.85 29.28 1.40
C GLU B 40 0.63 29.15 1.03
N MET B 41 1.12 27.93 0.88
CA MET B 41 2.51 27.73 0.48
C MET B 41 2.77 28.29 -0.91
N GLU B 42 1.76 28.26 -1.79
CA GLU B 42 1.92 28.82 -3.12
C GLU B 42 2.04 30.34 -3.07
N LYS B 43 1.23 30.99 -2.23
CA LYS B 43 1.34 32.44 -2.08
C LYS B 43 2.68 32.84 -1.48
N GLU B 44 3.18 32.06 -0.53
CA GLU B 44 4.47 32.32 0.11
C GLU B 44 5.65 31.90 -0.76
N GLY B 45 5.41 31.48 -2.00
CA GLY B 45 6.46 31.10 -2.91
C GLY B 45 7.13 29.77 -2.62
N LYS B 46 6.64 29.00 -1.66
CA LYS B 46 7.30 27.76 -1.29
C LYS B 46 7.12 26.68 -2.35
N ILE B 47 5.97 26.68 -3.04
CA ILE B 47 5.70 25.71 -4.09
C ILE B 47 5.02 26.43 -5.26
N SER B 48 5.13 25.81 -6.43
CA SER B 48 4.53 26.34 -7.65
C SER B 48 3.89 25.21 -8.43
N LYS B 49 2.88 25.57 -9.23
CA LYS B 49 2.20 24.58 -10.07
C LYS B 49 3.13 24.12 -11.19
N ILE B 50 2.94 22.86 -11.60
CA ILE B 50 3.74 22.28 -12.67
C ILE B 50 2.82 21.76 -13.77
N GLY B 51 3.41 21.54 -14.93
CA GLY B 51 2.68 21.09 -16.09
C GLY B 51 2.87 19.62 -16.38
N PRO B 52 2.28 19.14 -17.48
CA PRO B 52 2.37 17.71 -17.80
C PRO B 52 3.75 17.24 -18.22
N GLU B 53 4.68 18.15 -18.50
CA GLU B 53 6.03 17.74 -18.86
C GLU B 53 6.83 17.21 -17.67
N ASN B 54 6.24 17.21 -16.47
CA ASN B 54 6.87 16.68 -15.26
C ASN B 54 6.23 15.33 -14.94
N PRO B 55 6.91 14.21 -15.21
CA PRO B 55 6.29 12.89 -14.99
C PRO B 55 6.53 12.30 -13.61
N TYR B 56 7.25 12.99 -12.73
CA TYR B 56 7.57 12.43 -11.43
C TYR B 56 6.43 12.65 -10.45
N ASN B 57 6.44 11.87 -9.37
CA ASN B 57 5.45 12.05 -8.32
C ASN B 57 5.96 11.45 -7.02
N THR B 58 5.64 12.10 -5.91
CA THR B 58 5.98 11.65 -4.58
C THR B 58 4.72 11.74 -3.73
N PRO B 59 4.35 10.68 -3.01
CA PRO B 59 3.07 10.69 -2.30
C PRO B 59 3.05 11.72 -1.18
N VAL B 60 1.83 12.16 -0.85
CA VAL B 60 1.61 13.18 0.17
C VAL B 60 0.34 12.84 0.93
N PHE B 61 0.29 13.23 2.19
CA PHE B 61 -0.92 13.09 2.98
C PHE B 61 -0.86 14.09 4.13
N ALA B 62 -1.91 14.09 4.96
CA ALA B 62 -2.06 15.04 6.04
C ALA B 62 -2.16 14.31 7.37
N ILE B 63 -1.50 14.84 8.39
CA ILE B 63 -1.47 14.27 9.72
C ILE B 63 -1.82 15.34 10.74
N LYS B 64 -1.86 14.95 12.01
CA LYS B 64 -1.99 15.86 13.13
C LYS B 64 -0.99 15.44 14.20
N LYS B 65 -0.05 16.32 14.51
CA LYS B 65 0.99 15.98 15.47
C LYS B 65 0.40 15.78 16.87
N LYS B 66 1.22 15.24 17.76
CA LYS B 66 0.78 14.94 19.11
C LYS B 66 0.38 16.21 19.84
N ASP B 67 -0.86 16.23 20.35
CA ASP B 67 -1.42 17.37 21.08
C ASP B 67 -1.44 18.62 20.19
N SER B 68 -2.18 18.51 19.09
CA SER B 68 -2.34 19.63 18.17
C SER B 68 -3.67 19.47 17.44
N THR B 69 -4.16 20.59 16.90
CA THR B 69 -5.46 20.64 16.24
C THR B 69 -5.37 20.84 14.74
N LYS B 70 -4.49 21.71 14.26
CA LYS B 70 -4.40 22.01 12.84
C LYS B 70 -3.64 20.92 12.10
N TRP B 71 -4.02 20.70 10.85
CA TRP B 71 -3.39 19.67 10.03
C TRP B 71 -1.95 20.06 9.67
N ARG B 72 -1.20 19.06 9.22
CA ARG B 72 0.15 19.27 8.72
C ARG B 72 0.35 18.42 7.48
N LYS B 73 1.02 18.98 6.48
CA LYS B 73 1.33 18.24 5.27
C LYS B 73 2.56 17.37 5.49
N LEU B 74 2.44 16.09 5.17
CA LEU B 74 3.54 15.15 5.26
C LEU B 74 3.78 14.52 3.90
N VAL B 75 5.02 14.61 3.42
CA VAL B 75 5.40 14.12 2.10
C VAL B 75 6.27 12.89 2.27
N ASP B 76 5.90 11.79 1.61
CA ASP B 76 6.64 10.54 1.71
C ASP B 76 7.79 10.58 0.70
N PHE B 77 8.90 11.19 1.15
CA PHE B 77 10.10 11.31 0.33
C PHE B 77 11.02 10.09 0.40
N ARG B 78 10.49 8.93 0.82
CA ARG B 78 11.34 7.76 0.99
C ARG B 78 12.01 7.36 -0.32
N GLU B 79 11.27 7.36 -1.42
CA GLU B 79 11.84 6.97 -2.70
C GLU B 79 12.82 8.04 -3.21
N LEU B 80 12.47 9.31 -3.07
CA LEU B 80 13.38 10.37 -3.50
C LEU B 80 14.66 10.37 -2.68
N ASN B 81 14.55 10.09 -1.38
CA ASN B 81 15.73 10.11 -0.51
C ASN B 81 16.73 9.05 -0.91
N LYS B 82 16.26 7.82 -1.20
CA LYS B 82 17.19 6.76 -1.56
C LYS B 82 17.73 6.92 -2.99
N ARG B 83 17.08 7.74 -3.82
CA ARG B 83 17.58 8.04 -5.14
C ARG B 83 18.40 9.32 -5.20
N THR B 84 18.37 10.12 -4.13
CA THR B 84 19.15 11.36 -4.08
C THR B 84 20.61 11.05 -3.73
N GLN B 85 21.52 11.79 -4.35
CA GLN B 85 22.95 11.58 -4.14
C GLN B 85 23.31 11.71 -2.67
N ASP B 86 24.39 11.05 -2.28
CA ASP B 86 24.90 11.20 -0.92
C ASP B 86 25.55 12.57 -0.77
N PHE B 87 25.31 13.20 0.39
CA PHE B 87 25.72 14.57 0.62
C PHE B 87 27.02 14.63 1.42
N TRP B 88 28.02 15.32 0.86
CA TRP B 88 29.27 15.61 1.55
C TRP B 88 29.49 17.11 1.54
N GLU B 89 29.53 17.70 2.74
CA GLU B 89 29.77 19.14 2.86
C GLU B 89 31.27 19.41 2.95
N VAL B 90 31.65 20.50 3.61
CA VAL B 90 33.06 20.72 3.89
C VAL B 90 33.58 19.61 4.80
N GLN B 91 32.71 19.03 5.62
CA GLN B 91 32.97 17.78 6.32
C GLN B 91 32.24 16.66 5.62
N LEU B 92 32.92 15.52 5.46
CA LEU B 92 32.32 14.40 4.74
C LEU B 92 31.23 13.72 5.55
N GLY B 93 31.34 13.75 6.88
CA GLY B 93 30.35 13.13 7.74
C GLY B 93 30.63 13.34 9.21
N ILE B 94 29.58 13.34 10.02
CA ILE B 94 29.68 13.52 11.47
C ILE B 94 29.33 12.19 12.13
N PRO B 95 30.18 11.66 13.00
CA PRO B 95 29.80 10.47 13.77
C PRO B 95 28.71 10.83 14.77
N HIS B 96 27.83 9.86 15.03
CA HIS B 96 26.68 10.12 15.87
C HIS B 96 27.13 10.45 17.29
N PRO B 97 26.53 11.46 17.94
CA PRO B 97 26.90 11.78 19.31
C PRO B 97 26.45 10.71 20.29
N ALA B 98 27.41 9.94 20.82
CA ALA B 98 27.08 8.87 21.75
C ALA B 98 26.56 9.38 23.09
N GLY B 99 26.71 10.66 23.38
CA GLY B 99 26.24 11.21 24.64
C GLY B 99 24.78 11.58 24.66
N LEU B 100 24.15 11.70 23.49
CA LEU B 100 22.73 12.02 23.45
C LEU B 100 21.90 10.97 24.19
N LYS B 101 22.23 9.69 23.99
CA LYS B 101 21.52 8.61 24.67
C LYS B 101 21.87 8.52 26.15
N LYS B 102 22.93 9.20 26.60
CA LYS B 102 23.34 9.14 28.00
C LYS B 102 22.75 10.26 28.84
N LYS B 103 22.32 11.36 28.23
CA LYS B 103 21.70 12.44 28.97
C LYS B 103 20.39 11.97 29.60
N LYS B 104 19.95 12.69 30.64
CA LYS B 104 18.75 12.30 31.37
C LYS B 104 17.48 12.94 30.84
N SER B 105 17.59 13.91 29.93
CA SER B 105 16.42 14.52 29.31
C SER B 105 16.78 15.03 27.94
N VAL B 106 16.00 14.64 26.93
CA VAL B 106 16.21 15.04 25.55
C VAL B 106 14.88 15.53 25.00
N THR B 107 14.83 16.80 24.61
CA THR B 107 13.63 17.41 24.04
C THR B 107 13.77 17.45 22.52
N VAL B 108 12.71 17.06 21.83
CA VAL B 108 12.69 17.02 20.36
C VAL B 108 11.94 18.25 19.86
N LEU B 109 12.63 19.09 19.08
CA LEU B 109 12.06 20.34 18.59
C LEU B 109 11.97 20.27 17.06
N ASP B 110 10.78 20.51 16.53
CA ASP B 110 10.58 20.58 15.09
C ASP B 110 11.15 21.89 14.56
N VAL B 111 12.18 21.80 13.72
CA VAL B 111 12.79 22.96 13.10
C VAL B 111 12.62 22.92 11.59
N GLY B 112 11.61 22.20 11.10
CA GLY B 112 11.42 22.08 9.66
C GLY B 112 11.01 23.39 9.01
N ASP B 113 10.41 24.29 9.78
CA ASP B 113 10.00 25.57 9.23
C ASP B 113 11.20 26.43 8.82
N ALA B 114 12.37 26.19 9.39
CA ALA B 114 13.57 26.92 9.02
C ALA B 114 14.09 26.55 7.64
N TYR B 115 13.62 25.44 7.06
CA TYR B 115 14.09 25.04 5.74
C TYR B 115 13.47 25.89 4.64
N PHE B 116 12.25 26.38 4.84
CA PHE B 116 11.53 27.12 3.81
C PHE B 116 12.12 28.48 3.51
N SER B 117 13.24 28.85 4.15
CA SER B 117 13.91 30.11 3.85
C SER B 117 15.11 29.95 2.93
N VAL B 118 15.50 28.72 2.60
CA VAL B 118 16.61 28.43 1.71
C VAL B 118 16.05 27.95 0.38
N PRO B 119 16.39 28.58 -0.74
CA PRO B 119 15.87 28.12 -2.03
C PRO B 119 16.43 26.75 -2.41
N LEU B 120 15.73 26.09 -3.33
CA LEU B 120 16.12 24.79 -3.83
C LEU B 120 16.71 24.94 -5.22
N ASP B 121 17.72 24.12 -5.52
CA ASP B 121 18.35 24.13 -6.84
C ASP B 121 17.31 23.95 -7.92
N GLU B 122 17.25 24.92 -8.84
CA GLU B 122 16.19 24.94 -9.85
C GLU B 122 16.22 23.72 -10.76
N ASP B 123 17.38 23.07 -10.91
CA ASP B 123 17.45 21.86 -11.71
C ASP B 123 16.86 20.65 -10.99
N PHE B 124 16.77 20.70 -9.66
CA PHE B 124 16.29 19.57 -8.87
C PHE B 124 14.83 19.69 -8.47
N ARG B 125 14.19 20.84 -8.73
CA ARG B 125 12.83 21.07 -8.25
C ARG B 125 11.83 20.11 -8.86
N LYS B 126 12.06 19.70 -10.12
CA LYS B 126 11.10 18.82 -10.79
C LYS B 126 11.00 17.47 -10.08
N TYR B 127 12.05 17.05 -9.39
CA TYR B 127 12.04 15.76 -8.71
C TYR B 127 11.20 15.74 -7.45
N THR B 128 10.80 16.91 -6.94
CA THR B 128 9.98 16.99 -5.74
C THR B 128 8.49 17.08 -6.06
N ALA B 129 8.08 16.65 -7.25
CA ALA B 129 6.70 16.77 -7.66
C ALA B 129 5.79 15.90 -6.80
N PHE B 130 4.65 16.46 -6.41
CA PHE B 130 3.63 15.70 -5.70
C PHE B 130 2.26 16.11 -6.19
N THR B 131 1.27 15.26 -5.90
CA THR B 131 -0.09 15.43 -6.39
C THR B 131 -1.07 15.45 -5.23
N ILE B 132 -1.91 16.48 -5.18
CA ILE B 132 -3.10 16.45 -4.32
C ILE B 132 -4.18 15.68 -5.08
N PRO B 133 -4.50 14.46 -4.67
CA PRO B 133 -5.47 13.67 -5.45
C PRO B 133 -6.86 14.27 -5.40
N SER B 134 -7.65 13.90 -6.39
CA SER B 134 -9.07 14.24 -6.43
C SER B 134 -9.90 13.03 -6.06
N ILE B 135 -11.13 13.29 -5.65
CA ILE B 135 -12.07 12.23 -5.29
C ILE B 135 -12.70 11.70 -6.56
N ASN B 136 -12.69 10.36 -6.70
CA ASN B 136 -13.43 9.67 -7.75
C ASN B 136 -12.99 10.10 -9.15
N ASN B 137 -11.73 10.51 -9.31
CA ASN B 137 -11.18 10.92 -10.60
C ASN B 137 -12.01 12.02 -11.26
N GLU B 138 -12.75 12.79 -10.46
CA GLU B 138 -13.66 13.78 -11.03
C GLU B 138 -12.94 14.99 -11.58
N THR B 139 -11.73 15.26 -11.11
CA THR B 139 -10.88 16.33 -11.61
C THR B 139 -9.45 15.83 -11.63
N PRO B 140 -8.58 16.45 -12.42
CA PRO B 140 -7.16 16.10 -12.34
C PRO B 140 -6.58 16.48 -10.98
N GLY B 141 -5.47 15.83 -10.64
CA GLY B 141 -4.80 16.15 -9.39
C GLY B 141 -4.03 17.45 -9.49
N ILE B 142 -4.12 18.25 -8.42
CA ILE B 142 -3.38 19.50 -8.36
C ILE B 142 -1.90 19.19 -8.19
N ARG B 143 -1.11 19.56 -9.19
CA ARG B 143 0.30 19.18 -9.26
C ARG B 143 1.18 20.35 -8.83
N TYR B 144 2.08 20.11 -7.89
CA TYR B 144 3.01 21.10 -7.37
C TYR B 144 4.44 20.57 -7.44
N GLN B 145 5.39 21.49 -7.30
CA GLN B 145 6.78 21.15 -7.02
C GLN B 145 7.31 22.18 -6.04
N TYR B 146 8.42 21.83 -5.38
CA TYR B 146 8.98 22.69 -4.35
C TYR B 146 9.97 23.69 -4.96
N ASN B 147 9.99 24.89 -4.37
CA ASN B 147 10.96 25.92 -4.71
C ASN B 147 12.01 26.12 -3.62
N VAL B 148 11.76 25.62 -2.42
CA VAL B 148 12.69 25.74 -1.31
C VAL B 148 13.06 24.35 -0.81
N LEU B 149 13.85 24.29 0.26
CA LEU B 149 14.20 23.00 0.84
C LEU B 149 12.95 22.39 1.48
N PRO B 150 12.53 21.20 1.06
CA PRO B 150 11.29 20.61 1.58
C PRO B 150 11.51 19.76 2.82
N GLN B 151 10.56 19.85 3.74
CA GLN B 151 10.59 19.02 4.94
C GLN B 151 10.49 17.55 4.57
N GLY B 152 11.30 16.72 5.23
CA GLY B 152 11.31 15.31 4.98
C GLY B 152 12.26 14.85 3.90
N TRP B 153 12.95 15.76 3.22
CA TRP B 153 13.97 15.40 2.25
C TRP B 153 15.33 15.38 2.94
N LYS B 154 16.12 14.35 2.63
CA LYS B 154 17.40 14.18 3.32
C LYS B 154 18.38 15.31 3.00
N GLY B 155 18.21 15.97 1.84
CA GLY B 155 19.09 17.08 1.50
C GLY B 155 18.80 18.37 2.24
N SER B 156 17.63 18.49 2.86
CA SER B 156 17.29 19.72 3.56
C SER B 156 18.18 19.96 4.77
N PRO B 157 18.35 19.02 5.70
CA PRO B 157 19.33 19.27 6.78
C PRO B 157 20.76 19.25 6.30
N ALA B 158 21.07 18.48 5.25
CA ALA B 158 22.41 18.40 4.69
C ALA B 158 22.80 19.64 3.88
N ILE B 159 21.89 20.58 3.69
CA ILE B 159 22.20 21.85 3.06
C ILE B 159 22.09 23.00 4.07
N PHE B 160 21.06 22.98 4.91
CA PHE B 160 20.90 23.97 5.96
C PHE B 160 21.88 23.77 7.12
N GLN B 161 22.70 22.71 7.08
CA GLN B 161 23.61 22.43 8.19
C GLN B 161 24.63 23.55 8.37
N SER B 162 25.10 24.13 7.26
CA SER B 162 26.01 25.26 7.36
C SER B 162 25.35 26.43 8.07
N SER B 163 24.09 26.72 7.75
CA SER B 163 23.37 27.80 8.43
C SER B 163 22.98 27.41 9.84
N MET B 164 22.70 26.12 10.08
CA MET B 164 22.27 25.68 11.40
C MET B 164 23.40 25.81 12.43
N THR B 165 24.63 25.52 12.01
CA THR B 165 25.77 25.59 12.93
C THR B 165 25.96 27.01 13.47
N LYS B 166 25.55 28.02 12.70
CA LYS B 166 25.73 29.40 13.10
C LYS B 166 24.58 29.92 13.97
N ILE B 167 23.37 29.41 13.77
CA ILE B 167 22.25 29.82 14.62
C ILE B 167 22.45 29.31 16.04
N LEU B 168 22.99 28.09 16.18
CA LEU B 168 23.21 27.48 17.48
C LEU B 168 24.52 27.89 18.13
N GLU B 169 25.44 28.48 17.36
CA GLU B 169 26.74 28.85 17.91
C GLU B 169 26.67 29.73 19.15
N PRO B 170 25.79 30.75 19.22
CA PRO B 170 25.67 31.48 20.50
C PRO B 170 25.20 30.61 21.65
N PHE B 171 24.22 29.74 21.41
CA PHE B 171 23.69 28.91 22.49
C PHE B 171 24.67 27.82 22.91
N LYS B 172 25.48 27.32 21.96
CA LYS B 172 26.44 26.28 22.29
C LYS B 172 27.51 26.80 23.24
N LYS B 173 28.01 28.01 23.01
CA LYS B 173 29.05 28.57 23.87
C LYS B 173 28.55 28.81 25.28
N GLN B 174 27.28 29.20 25.44
CA GLN B 174 26.74 29.45 26.77
C GLN B 174 26.60 28.16 27.57
N ASN B 175 26.17 27.08 26.92
CA ASN B 175 25.97 25.79 27.57
C ASN B 175 26.79 24.73 26.84
N PRO B 176 28.04 24.50 27.25
CA PRO B 176 28.88 23.52 26.54
C PRO B 176 28.56 22.07 26.88
N ASP B 177 27.82 21.80 27.96
CA ASP B 177 27.47 20.45 28.35
C ASP B 177 26.14 20.00 27.78
N ILE B 178 25.61 20.70 26.78
CA ILE B 178 24.34 20.36 26.15
C ILE B 178 24.64 19.70 24.81
N VAL B 179 24.09 18.50 24.61
CA VAL B 179 24.25 17.77 23.35
C VAL B 179 23.12 18.17 22.42
N ILE B 180 23.46 18.62 21.22
CA ILE B 180 22.50 19.02 20.20
C ILE B 180 22.74 18.14 18.97
N TYR B 181 21.68 17.45 18.53
CA TYR B 181 21.74 16.59 17.36
C TYR B 181 20.52 16.86 16.49
N GLN B 182 20.72 16.77 15.18
CA GLN B 182 19.67 17.05 14.21
C GLN B 182 19.44 15.82 13.34
N TYR B 183 18.17 15.45 13.18
CA TYR B 183 17.79 14.38 12.26
C TYR B 183 16.56 14.84 11.49
N MET B 184 16.71 15.00 10.17
CA MET B 184 15.66 15.49 9.30
C MET B 184 15.09 16.81 9.80
N ASP B 185 13.78 16.86 10.07
CA ASP B 185 13.12 18.08 10.48
C ASP B 185 13.20 18.33 11.98
N ASP B 186 13.80 17.42 12.73
CA ASP B 186 13.77 17.48 14.20
C ASP B 186 15.12 17.87 14.76
N LEU B 187 15.10 18.42 15.97
CA LEU B 187 16.31 18.84 16.68
C LEU B 187 16.27 18.20 18.07
N TYR B 188 17.29 17.41 18.39
CA TYR B 188 17.37 16.68 19.65
C TYR B 188 18.34 17.42 20.57
N VAL B 189 17.82 18.01 21.65
CA VAL B 189 18.59 18.80 22.59
C VAL B 189 18.58 18.09 23.93
N GLY B 190 19.74 17.65 24.39
CA GLY B 190 19.85 16.86 25.61
C GLY B 190 20.72 17.54 26.65
N SER B 191 20.38 17.33 27.92
CA SER B 191 21.14 17.87 29.04
C SER B 191 20.91 16.99 30.25
N ASP B 192 21.66 17.29 31.32
CA ASP B 192 21.56 16.56 32.58
C ASP B 192 20.90 17.38 33.68
N LEU B 193 20.29 18.52 33.34
CA LEU B 193 19.64 19.37 34.31
C LEU B 193 18.19 18.94 34.51
N GLU B 194 17.57 19.47 35.56
CA GLU B 194 16.22 19.08 35.89
C GLU B 194 15.22 19.71 34.92
N ILE B 195 14.04 19.07 34.81
CA ILE B 195 13.02 19.50 33.84
C ILE B 195 12.58 20.93 34.10
N GLY B 196 12.59 21.36 35.36
CA GLY B 196 12.27 22.76 35.65
C GLY B 196 13.26 23.70 35.01
N GLN B 197 14.55 23.37 35.08
CA GLN B 197 15.57 24.15 34.39
C GLN B 197 15.67 23.78 32.91
N HIS B 198 15.21 22.59 32.54
CA HIS B 198 15.29 22.15 31.14
C HIS B 198 14.22 22.81 30.29
N ARG B 199 12.96 22.80 30.77
CA ARG B 199 11.86 23.36 29.97
C ARG B 199 12.06 24.84 29.72
N THR B 200 12.53 25.58 30.74
CA THR B 200 12.80 27.01 30.55
C THR B 200 13.97 27.23 29.61
N LYS B 201 14.99 26.38 29.70
CA LYS B 201 16.15 26.51 28.82
C LYS B 201 15.81 26.10 27.39
N ILE B 202 14.87 25.16 27.21
CA ILE B 202 14.46 24.75 25.87
C ILE B 202 13.82 25.93 25.14
N GLU B 203 12.97 26.69 25.85
CA GLU B 203 12.31 27.83 25.21
C GLU B 203 13.30 28.94 24.86
N GLU B 204 14.50 28.92 25.44
CA GLU B 204 15.54 29.86 25.02
C GLU B 204 15.98 29.59 23.58
N LEU B 205 15.88 28.34 23.12
CA LEU B 205 16.17 28.04 21.72
C LEU B 205 15.00 28.36 20.81
N ARG B 206 13.78 28.36 21.33
CA ARG B 206 12.61 28.65 20.51
C ARG B 206 12.66 30.08 19.97
N GLN B 207 12.99 31.04 20.83
CA GLN B 207 13.10 32.43 20.39
C GLN B 207 14.34 32.66 19.53
N HIS B 208 15.31 31.75 19.57
CA HIS B 208 16.47 31.87 18.70
C HIS B 208 16.08 31.67 17.23
N LEU B 209 15.20 30.71 16.96
CA LEU B 209 14.70 30.56 15.60
C LEU B 209 13.77 31.69 15.21
N LEU B 210 13.13 32.33 16.19
CA LEU B 210 12.27 33.47 15.90
C LEU B 210 13.10 34.71 15.58
N ARG B 211 14.24 34.87 16.23
CA ARG B 211 15.09 36.04 16.00
C ARG B 211 16.05 35.83 14.84
N TRP B 212 16.72 34.67 14.79
CA TRP B 212 17.61 34.37 13.68
C TRP B 212 16.87 33.97 12.41
N GLY B 213 15.55 33.84 12.47
CA GLY B 213 14.76 33.46 11.32
C GLY B 213 13.30 33.86 11.42
N PRO B 225 7.48 30.32 12.90
CA PRO B 225 7.19 28.89 12.78
C PRO B 225 5.94 28.49 13.56
N PRO B 226 5.10 27.64 12.96
CA PRO B 226 3.85 27.24 13.64
C PRO B 226 4.06 26.16 14.70
N PHE B 227 4.77 25.09 14.36
CA PHE B 227 4.98 23.96 15.26
C PHE B 227 6.22 24.09 16.11
N LEU B 228 6.82 25.28 16.16
CA LEU B 228 8.01 25.49 16.99
C LEU B 228 7.68 25.49 18.48
N TRP B 229 6.41 25.68 18.85
CA TRP B 229 6.05 25.75 20.25
C TRP B 229 6.10 24.38 20.92
N MET B 230 5.74 23.32 20.20
CA MET B 230 5.68 22.00 20.79
C MET B 230 7.08 21.46 21.05
N GLY B 231 7.18 20.59 22.06
CA GLY B 231 8.44 19.99 22.43
C GLY B 231 8.30 18.62 23.06
N TYR B 232 8.63 17.58 22.31
CA TYR B 232 8.50 16.20 22.78
C TYR B 232 9.66 15.87 23.72
N GLU B 233 9.34 15.44 24.94
CA GLU B 233 10.35 15.21 25.96
C GLU B 233 10.64 13.71 26.09
N LEU B 234 11.92 13.36 26.00
CA LEU B 234 12.39 12.00 26.16
C LEU B 234 13.29 11.92 27.38
N HIS B 235 13.49 10.69 27.87
CA HIS B 235 14.39 10.42 28.99
C HIS B 235 15.16 9.15 28.68
N PRO B 236 16.21 9.24 27.85
CA PRO B 236 16.97 8.04 27.49
C PRO B 236 17.72 7.43 28.66
N ASP B 237 17.93 8.17 29.75
CA ASP B 237 18.55 7.60 30.93
C ASP B 237 17.66 6.58 31.61
N LYS B 238 16.35 6.63 31.37
CA LYS B 238 15.38 5.72 31.97
C LYS B 238 14.72 4.84 30.91
N TRP B 239 15.51 4.40 29.92
CA TRP B 239 15.05 3.46 28.92
C TRP B 239 15.38 2.04 29.38
N THR B 240 14.37 1.18 29.44
CA THR B 240 14.53 -0.13 30.05
C THR B 240 15.12 -1.13 29.08
N VAL B 241 15.90 -2.06 29.63
CA VAL B 241 16.48 -3.18 28.89
C VAL B 241 15.76 -4.44 29.34
N GLN B 242 15.61 -5.39 28.40
CA GLN B 242 14.92 -6.63 28.69
C GLN B 242 15.85 -7.83 28.64
N PRO B 243 16.60 -8.12 29.69
CA PRO B 243 17.43 -9.33 29.70
C PRO B 243 16.57 -10.58 29.85
N ILE B 244 17.19 -11.72 29.55
CA ILE B 244 16.50 -13.01 29.62
C ILE B 244 16.34 -13.41 31.07
N VAL B 245 15.10 -13.65 31.49
CA VAL B 245 14.79 -14.02 32.87
C VAL B 245 14.12 -15.38 32.87
N LEU B 246 14.47 -16.21 33.86
CA LEU B 246 13.89 -17.52 34.09
C LEU B 246 12.97 -17.49 35.30
N PRO B 247 11.91 -18.31 35.31
CA PRO B 247 10.98 -18.28 36.44
C PRO B 247 11.65 -18.75 37.73
N GLU B 248 11.07 -18.31 38.85
CA GLU B 248 11.48 -18.75 40.18
C GLU B 248 10.24 -19.35 40.84
N LYS B 249 10.18 -20.68 40.89
CA LYS B 249 9.05 -21.40 41.43
C LYS B 249 9.49 -22.28 42.59
N ASP B 250 8.51 -22.76 43.35
CA ASP B 250 8.75 -23.74 44.40
C ASP B 250 8.28 -25.13 44.01
N SER B 251 7.33 -25.24 43.07
CA SER B 251 6.89 -26.52 42.55
C SER B 251 6.74 -26.39 41.04
N TRP B 252 7.41 -27.26 40.30
CA TRP B 252 7.41 -27.24 38.85
C TRP B 252 6.57 -28.39 38.31
N THR B 253 5.64 -28.07 37.42
CA THR B 253 4.93 -29.11 36.69
C THR B 253 5.75 -29.57 35.50
N VAL B 254 5.31 -30.66 34.87
CA VAL B 254 5.96 -31.15 33.66
C VAL B 254 5.93 -30.07 32.58
N ASN B 255 4.81 -29.34 32.49
CA ASN B 255 4.69 -28.30 31.49
C ASN B 255 5.63 -27.13 31.80
N ASP B 256 5.76 -26.76 33.08
CA ASP B 256 6.67 -25.69 33.46
C ASP B 256 8.10 -26.01 33.04
N ILE B 257 8.54 -27.25 33.27
CA ILE B 257 9.91 -27.63 32.93
C ILE B 257 10.09 -27.71 31.41
N GLN B 258 9.05 -28.17 30.70
CA GLN B 258 9.13 -28.23 29.24
C GLN B 258 9.33 -26.84 28.65
N LYS B 259 8.53 -25.86 29.11
CA LYS B 259 8.71 -24.50 28.63
C LYS B 259 10.04 -23.91 29.08
N LEU B 260 10.51 -24.27 30.28
CA LEU B 260 11.80 -23.80 30.75
C LEU B 260 12.93 -24.32 29.86
N VAL B 261 12.95 -25.62 29.60
CA VAL B 261 13.97 -26.19 28.72
C VAL B 261 13.87 -25.58 27.32
N GLY B 262 12.64 -25.32 26.86
CA GLY B 262 12.49 -24.67 25.57
C GLY B 262 13.09 -23.28 25.55
N LYS B 263 12.82 -22.50 26.59
CA LYS B 263 13.38 -21.15 26.67
C LYS B 263 14.90 -21.20 26.79
N LEU B 264 15.43 -22.14 27.58
CA LEU B 264 16.88 -22.25 27.73
C LEU B 264 17.55 -22.71 26.44
N ASN B 265 16.87 -23.59 25.69
CA ASN B 265 17.42 -24.02 24.41
C ASN B 265 17.44 -22.87 23.41
N TRP B 266 16.44 -22.00 23.47
CA TRP B 266 16.42 -20.82 22.62
C TRP B 266 17.54 -19.85 23.02
N ALA B 267 17.74 -19.64 24.32
CA ALA B 267 18.79 -18.75 24.78
C ALA B 267 20.18 -19.33 24.51
N SER B 268 20.30 -20.65 24.35
CA SER B 268 21.61 -21.25 24.07
C SER B 268 22.18 -20.77 22.76
N GLN B 269 21.31 -20.36 21.82
CA GLN B 269 21.80 -19.77 20.57
C GLN B 269 22.48 -18.43 20.81
N ILE B 270 22.06 -17.71 21.84
CA ILE B 270 22.61 -16.39 22.13
C ILE B 270 23.74 -16.47 23.14
N TYR B 271 23.61 -17.31 24.16
CA TYR B 271 24.56 -17.41 25.25
C TYR B 271 25.33 -18.72 25.19
N PRO B 272 26.65 -18.68 25.30
CA PRO B 272 27.43 -19.93 25.35
C PRO B 272 27.40 -20.55 26.73
N GLY B 273 27.32 -21.88 26.76
CA GLY B 273 27.37 -22.62 28.00
C GLY B 273 26.04 -22.95 28.64
N ILE B 274 24.92 -22.61 27.98
CA ILE B 274 23.62 -23.00 28.50
C ILE B 274 23.44 -24.49 28.36
N LYS B 275 23.13 -25.17 29.45
CA LYS B 275 22.96 -26.62 29.46
C LYS B 275 21.62 -26.98 30.07
N VAL B 276 20.94 -27.95 29.44
CA VAL B 276 19.62 -28.39 29.85
C VAL B 276 19.58 -29.88 30.17
N ARG B 277 20.75 -30.52 30.32
CA ARG B 277 20.79 -31.97 30.49
C ARG B 277 20.12 -32.39 31.79
N GLN B 278 20.54 -31.79 32.91
CA GLN B 278 19.98 -32.18 34.21
C GLN B 278 18.50 -31.82 34.32
N LEU B 279 18.08 -30.73 33.67
CA LEU B 279 16.66 -30.40 33.66
C LEU B 279 15.88 -31.34 32.76
N SER B 280 16.49 -31.84 31.68
CA SER B 280 15.82 -32.83 30.83
C SER B 280 15.68 -34.17 31.53
N LYS B 281 16.58 -34.48 32.49
CA LYS B 281 16.47 -35.72 33.23
C LYS B 281 15.19 -35.79 34.04
N LEU B 282 14.67 -34.63 34.49
CA LEU B 282 13.46 -34.62 35.30
C LEU B 282 12.26 -35.12 34.52
N LEU B 283 12.24 -34.91 33.20
CA LEU B 283 11.17 -35.40 32.35
C LEU B 283 11.38 -36.91 32.15
N ARG B 284 10.75 -37.70 33.01
CA ARG B 284 10.94 -39.15 33.03
C ARG B 284 9.83 -39.81 32.23
N GLY B 285 10.05 -39.88 30.92
CA GLY B 285 9.10 -40.56 30.06
C GLY B 285 7.78 -39.81 29.93
N THR B 286 6.71 -40.56 29.72
CA THR B 286 5.39 -39.99 29.44
C THR B 286 4.71 -39.66 30.77
N LYS B 287 4.71 -38.38 31.14
CA LYS B 287 4.04 -37.93 32.34
C LYS B 287 2.98 -36.90 31.97
N ALA B 288 1.95 -36.81 32.80
CA ALA B 288 0.91 -35.80 32.60
C ALA B 288 1.51 -34.41 32.71
N LEU B 289 1.04 -33.50 31.85
CA LEU B 289 1.61 -32.16 31.79
C LEU B 289 1.44 -31.41 33.11
N THR B 290 0.43 -31.77 33.90
CA THR B 290 0.12 -31.07 35.14
C THR B 290 0.73 -31.73 36.37
N GLU B 291 1.61 -32.71 36.18
CA GLU B 291 2.20 -33.41 37.33
C GLU B 291 3.40 -32.63 37.86
N VAL B 292 3.44 -32.45 39.18
CA VAL B 292 4.53 -31.74 39.83
C VAL B 292 5.75 -32.64 39.88
N ILE B 293 6.87 -32.15 39.37
CA ILE B 293 8.14 -32.88 39.39
C ILE B 293 9.07 -32.17 40.37
N PRO B 294 9.60 -32.86 41.37
CA PRO B 294 10.54 -32.21 42.28
C PRO B 294 11.88 -31.98 41.61
N LEU B 295 12.52 -30.87 41.97
CA LEU B 295 13.84 -30.54 41.45
C LEU B 295 14.90 -31.34 42.19
N THR B 296 15.80 -31.97 41.43
CA THR B 296 16.97 -32.61 42.03
C THR B 296 18.06 -31.58 42.28
N GLU B 297 19.08 -32.00 43.03
CA GLU B 297 20.22 -31.12 43.27
C GLU B 297 20.98 -30.83 41.97
N GLU B 298 21.13 -31.85 41.12
CA GLU B 298 21.80 -31.66 39.85
C GLU B 298 21.04 -30.69 38.95
N ALA B 299 19.71 -30.69 39.05
CA ALA B 299 18.91 -29.78 38.24
C ALA B 299 18.92 -28.36 38.80
N GLU B 300 18.88 -28.22 40.12
CA GLU B 300 18.89 -26.89 40.72
C GLU B 300 20.20 -26.16 40.44
N LEU B 301 21.33 -26.88 40.48
CA LEU B 301 22.60 -26.26 40.17
C LEU B 301 22.69 -25.89 38.69
N GLU B 302 22.12 -26.72 37.82
CA GLU B 302 22.10 -26.39 36.40
C GLU B 302 21.25 -25.16 36.13
N LEU B 303 20.09 -25.05 36.80
CA LEU B 303 19.26 -23.86 36.67
C LEU B 303 19.98 -22.64 37.23
N ALA B 304 20.74 -22.81 38.32
CA ALA B 304 21.45 -21.69 38.91
C ALA B 304 22.60 -21.23 38.02
N GLU B 305 23.34 -22.18 37.44
CA GLU B 305 24.44 -21.81 36.55
C GLU B 305 23.91 -21.07 35.31
N ASN B 306 22.82 -21.55 34.73
CA ASN B 306 22.21 -20.85 33.60
C ASN B 306 21.71 -19.48 33.98
N ARG B 307 21.21 -19.33 35.22
CA ARG B 307 20.72 -18.03 35.66
C ARG B 307 21.85 -17.02 35.80
N GLU B 308 23.04 -17.46 36.22
CA GLU B 308 24.18 -16.57 36.30
C GLU B 308 24.68 -16.19 34.91
N ILE B 309 24.62 -17.12 33.96
CA ILE B 309 25.02 -16.81 32.59
C ILE B 309 24.15 -15.72 32.00
N LEU B 310 22.83 -15.81 32.23
CA LEU B 310 21.91 -14.84 31.65
C LEU B 310 22.02 -13.45 32.29
N LYS B 311 22.82 -13.31 33.35
CA LYS B 311 23.02 -11.99 33.94
C LYS B 311 23.96 -11.14 33.09
N GLU B 312 24.98 -11.76 32.52
CA GLU B 312 25.95 -11.04 31.70
C GLU B 312 25.36 -10.69 30.34
N PRO B 313 25.86 -9.63 29.71
CA PRO B 313 25.40 -9.29 28.36
C PRO B 313 26.02 -10.21 27.32
N VAL B 314 25.45 -10.17 26.12
CA VAL B 314 25.95 -10.97 25.00
C VAL B 314 27.30 -10.44 24.57
N HIS B 315 28.20 -11.34 24.20
CA HIS B 315 29.54 -10.98 23.76
C HIS B 315 29.61 -10.94 22.23
N GLY B 316 30.54 -10.13 21.73
CA GLY B 316 30.65 -9.95 20.29
C GLY B 316 29.47 -9.23 19.67
N VAL B 317 28.91 -8.25 20.38
CA VAL B 317 27.76 -7.50 19.91
C VAL B 317 28.21 -6.08 19.66
N TYR B 318 28.27 -5.69 18.38
CA TYR B 318 28.78 -4.39 17.97
C TYR B 318 27.88 -3.80 16.92
N TYR B 319 27.80 -2.48 16.88
CA TYR B 319 27.06 -1.77 15.87
C TYR B 319 27.93 -1.57 14.63
N ASP B 320 27.37 -1.87 13.45
CA ASP B 320 28.08 -1.68 12.19
C ASP B 320 27.38 -0.62 11.38
N PRO B 321 27.99 0.54 11.16
CA PRO B 321 27.30 1.61 10.40
C PRO B 321 26.98 1.24 8.96
N SER B 322 27.66 0.24 8.40
CA SER B 322 27.40 -0.15 7.02
C SER B 322 26.17 -1.04 6.89
N LYS B 323 25.83 -1.79 7.92
CA LYS B 323 24.69 -2.69 7.88
C LYS B 323 23.40 -1.97 8.25
N ASP B 324 22.27 -2.60 7.92
CA ASP B 324 20.98 -2.06 8.28
C ASP B 324 20.60 -2.44 9.70
N LEU B 325 19.80 -1.58 10.33
CA LEU B 325 19.18 -1.89 11.61
C LEU B 325 17.83 -2.55 11.37
N ILE B 326 17.60 -3.70 12.01
CA ILE B 326 16.36 -4.45 11.87
C ILE B 326 15.62 -4.41 13.19
N ALA B 327 14.31 -4.21 13.14
CA ALA B 327 13.47 -4.15 14.32
C ALA B 327 12.28 -5.08 14.13
N GLU B 328 12.12 -6.04 15.06
CA GLU B 328 10.99 -6.95 15.06
C GLU B 328 10.10 -6.66 16.26
N ILE B 329 8.79 -6.83 16.06
CA ILE B 329 7.79 -6.54 17.09
C ILE B 329 6.88 -7.75 17.26
N GLN B 330 6.58 -8.10 18.51
CA GLN B 330 5.65 -9.18 18.83
C GLN B 330 4.49 -8.62 19.64
N LYS B 331 3.29 -9.08 19.31
CA LYS B 331 2.08 -8.68 20.02
C LYS B 331 1.87 -9.63 21.19
N GLN B 332 1.96 -9.11 22.41
CA GLN B 332 1.87 -9.93 23.61
C GLN B 332 0.50 -9.91 24.27
N GLY B 333 -0.41 -9.08 23.79
CA GLY B 333 -1.75 -9.04 24.36
C GLY B 333 -1.90 -8.01 25.46
N GLN B 334 -3.14 -7.55 25.63
CA GLN B 334 -3.49 -6.57 26.66
C GLN B 334 -2.63 -5.30 26.54
N GLY B 335 -2.42 -4.86 25.32
CA GLY B 335 -1.68 -3.63 25.09
C GLY B 335 -0.20 -3.72 25.30
N GLN B 336 0.37 -4.92 25.32
CA GLN B 336 1.80 -5.12 25.55
C GLN B 336 2.48 -5.55 24.26
N TRP B 337 3.59 -4.89 23.94
CA TRP B 337 4.36 -5.18 22.73
C TRP B 337 5.83 -5.24 23.09
N THR B 338 6.51 -6.29 22.63
CA THR B 338 7.95 -6.43 22.80
C THR B 338 8.65 -6.18 21.48
N TYR B 339 9.92 -5.81 21.55
CA TYR B 339 10.67 -5.50 20.34
C TYR B 339 12.16 -5.71 20.58
N GLN B 340 12.87 -5.95 19.49
CA GLN B 340 14.32 -6.13 19.50
C GLN B 340 14.92 -5.43 18.30
N ILE B 341 16.03 -4.74 18.50
CA ILE B 341 16.78 -4.09 17.43
C ILE B 341 18.11 -4.81 17.27
N TYR B 342 18.42 -5.22 16.03
CA TYR B 342 19.64 -5.95 15.78
C TYR B 342 20.09 -5.70 14.34
N GLN B 343 21.28 -6.21 14.03
CA GLN B 343 21.78 -6.29 12.67
C GLN B 343 22.09 -7.71 12.24
N GLU B 344 22.58 -8.53 13.16
CA GLU B 344 22.77 -9.97 13.03
C GLU B 344 21.80 -10.70 13.94
N PRO B 345 21.24 -11.82 13.51
CA PRO B 345 20.31 -12.56 14.37
C PRO B 345 20.98 -13.01 15.66
N PHE B 346 20.18 -13.01 16.74
CA PHE B 346 20.61 -13.43 18.07
C PHE B 346 21.70 -12.52 18.66
N LYS B 347 21.84 -11.31 18.13
CA LYS B 347 22.77 -10.32 18.64
C LYS B 347 22.04 -8.99 18.76
N ASN B 348 21.14 -8.90 19.74
CA ASN B 348 20.34 -7.71 19.93
C ASN B 348 21.20 -6.55 20.43
N LEU B 349 21.07 -5.40 19.78
CA LEU B 349 21.66 -4.17 20.28
C LEU B 349 20.76 -3.46 21.28
N LYS B 350 19.47 -3.78 21.28
CA LYS B 350 18.48 -3.13 22.14
C LYS B 350 17.20 -3.94 22.18
N THR B 351 16.67 -4.20 23.37
CA THR B 351 15.39 -4.86 23.53
C THR B 351 14.51 -4.03 24.44
N GLY B 352 13.19 -4.18 24.29
CA GLY B 352 12.30 -3.39 25.11
C GLY B 352 10.89 -3.94 25.09
N LYS B 353 10.03 -3.29 25.88
CA LYS B 353 8.62 -3.66 25.97
C LYS B 353 7.80 -2.40 26.17
N TYR B 354 6.65 -2.34 25.51
CA TYR B 354 5.72 -1.23 25.64
C TYR B 354 4.40 -1.73 26.21
N ALA B 355 3.68 -0.83 26.88
CA ALA B 355 2.40 -1.19 27.47
C ALA B 355 1.57 0.08 27.65
N ARG B 356 0.27 -0.12 27.83
CA ARG B 356 -0.68 0.98 28.07
C ARG B 356 -0.58 2.04 26.98
N MET B 357 -0.72 1.60 25.73
CA MET B 357 -0.67 2.51 24.59
C MET B 357 -1.81 3.51 24.67
N ARG B 358 -1.47 4.79 24.64
CA ARG B 358 -2.45 5.85 24.79
C ARG B 358 -3.37 5.92 23.57
N GLY B 359 -4.67 6.05 23.82
CA GLY B 359 -5.65 6.23 22.78
C GLY B 359 -6.15 4.96 22.12
N ALA B 360 -5.45 3.83 22.28
CA ALA B 360 -5.82 2.59 21.60
C ALA B 360 -5.81 1.45 22.62
N HIS B 361 -7.00 1.10 23.11
CA HIS B 361 -7.20 -0.12 23.88
C HIS B 361 -8.10 -1.11 23.17
N THR B 362 -8.72 -0.70 22.06
CA THR B 362 -9.49 -1.59 21.20
C THR B 362 -9.02 -1.54 19.76
N ASN B 363 -7.86 -0.92 19.49
CA ASN B 363 -7.33 -0.76 18.15
C ASN B 363 -5.90 -1.30 18.13
N ASP B 364 -5.71 -2.47 17.52
CA ASP B 364 -4.37 -3.04 17.40
C ASP B 364 -3.47 -2.21 16.51
N VAL B 365 -4.03 -1.67 15.42
CA VAL B 365 -3.18 -1.01 14.43
C VAL B 365 -2.63 0.31 14.98
N LYS B 366 -3.45 1.06 15.72
CA LYS B 366 -2.96 2.30 16.31
C LYS B 366 -1.86 2.04 17.32
N GLN B 367 -2.00 0.98 18.12
CA GLN B 367 -0.95 0.62 19.07
C GLN B 367 0.35 0.29 18.34
N LEU B 368 0.27 -0.55 17.31
CA LEU B 368 1.45 -0.90 16.54
C LEU B 368 2.06 0.34 15.89
N THR B 369 1.22 1.27 15.43
CA THR B 369 1.73 2.47 14.79
C THR B 369 2.51 3.34 15.77
N GLU B 370 1.97 3.53 16.97
CA GLU B 370 2.71 4.28 18.00
C GLU B 370 3.98 3.53 18.39
N ALA B 371 3.93 2.20 18.42
CA ALA B 371 5.12 1.41 18.75
C ALA B 371 6.22 1.63 17.73
N VAL B 372 5.88 1.65 16.44
CA VAL B 372 6.88 1.86 15.40
C VAL B 372 7.53 3.23 15.55
N GLN B 373 6.72 4.25 15.86
CA GLN B 373 7.27 5.60 16.00
C GLN B 373 8.19 5.72 17.20
N LYS B 374 7.85 5.05 18.30
CA LYS B 374 8.69 5.12 19.50
C LYS B 374 10.02 4.40 19.28
N ILE B 375 9.97 3.21 18.66
CA ILE B 375 11.19 2.46 18.39
C ILE B 375 12.08 3.22 17.41
N THR B 376 11.48 3.89 16.42
CA THR B 376 12.26 4.69 15.49
C THR B 376 12.94 5.85 16.21
N THR B 377 12.21 6.52 17.11
CA THR B 377 12.80 7.61 17.87
C THR B 377 13.99 7.14 18.70
N GLU B 378 13.87 5.97 19.34
CA GLU B 378 14.98 5.43 20.10
C GLU B 378 16.16 5.08 19.19
N SER B 379 15.86 4.58 17.98
CA SER B 379 16.92 4.25 17.05
C SER B 379 17.65 5.49 16.55
N ILE B 380 16.95 6.62 16.44
CA ILE B 380 17.60 7.86 16.02
C ILE B 380 18.48 8.41 17.14
N VAL B 381 18.00 8.37 18.38
CA VAL B 381 18.77 8.90 19.50
C VAL B 381 20.03 8.08 19.73
N ILE B 382 19.96 6.77 19.52
CA ILE B 382 21.09 5.90 19.83
C ILE B 382 22.07 5.80 18.67
N TRP B 383 21.58 5.56 17.45
CA TRP B 383 22.46 5.34 16.31
C TRP B 383 22.35 6.38 15.20
N GLY B 384 21.34 7.26 15.24
CA GLY B 384 21.24 8.30 14.23
C GLY B 384 20.61 7.88 12.92
N LYS B 385 19.99 6.70 12.85
CA LYS B 385 19.27 6.29 11.66
C LYS B 385 18.09 5.43 12.07
N THR B 386 17.19 5.16 11.08
CA THR B 386 15.97 4.43 11.33
C THR B 386 16.14 2.96 10.98
N PRO B 387 15.42 2.07 11.64
CA PRO B 387 15.53 0.64 11.33
C PRO B 387 14.47 0.17 10.34
N LYS B 388 14.75 -0.97 9.72
CA LYS B 388 13.80 -1.65 8.87
C LYS B 388 12.92 -2.54 9.73
N PHE B 389 11.62 -2.28 9.72
CA PHE B 389 10.70 -2.97 10.62
C PHE B 389 10.16 -4.24 10.00
N LYS B 390 10.02 -5.27 10.84
CA LYS B 390 9.31 -6.49 10.49
C LYS B 390 8.02 -6.49 11.30
N LEU B 391 6.89 -6.22 10.62
CA LEU B 391 5.62 -5.93 11.29
C LEU B 391 4.74 -7.16 11.35
N PRO B 392 4.20 -7.50 12.53
CA PRO B 392 3.24 -8.61 12.65
C PRO B 392 1.82 -8.21 12.25
N ILE B 393 1.63 -7.99 10.95
CA ILE B 393 0.36 -7.51 10.42
C ILE B 393 0.34 -7.79 8.93
N GLN B 394 -0.85 -8.12 8.42
CA GLN B 394 -0.99 -8.33 6.98
C GLN B 394 -0.83 -7.01 6.24
N LYS B 395 -0.18 -7.08 5.08
CA LYS B 395 0.15 -5.88 4.31
C LYS B 395 -1.07 -5.01 4.04
N GLU B 396 -2.19 -5.63 3.65
CA GLU B 396 -3.36 -4.85 3.27
C GLU B 396 -3.94 -4.08 4.46
N THR B 397 -3.87 -4.65 5.66
CA THR B 397 -4.42 -3.97 6.83
C THR B 397 -3.54 -2.80 7.24
N TRP B 398 -2.22 -2.99 7.22
CA TRP B 398 -1.31 -1.92 7.62
C TRP B 398 -1.34 -0.78 6.62
N GLU B 399 -1.29 -1.09 5.31
CA GLU B 399 -1.26 -0.05 4.30
C GLU B 399 -2.53 0.78 4.30
N THR B 400 -3.64 0.21 4.77
CA THR B 400 -4.91 0.92 4.77
C THR B 400 -5.01 1.95 5.89
N TRP B 401 -4.31 1.73 7.01
CA TRP B 401 -4.62 2.47 8.23
C TRP B 401 -3.46 3.17 8.91
N TRP B 402 -2.20 2.87 8.59
CA TRP B 402 -1.10 3.44 9.37
C TRP B 402 -1.04 4.95 9.25
N THR B 403 -1.36 5.51 8.08
CA THR B 403 -1.33 6.96 7.92
C THR B 403 -2.33 7.67 8.81
N GLU B 404 -3.37 6.96 9.26
CA GLU B 404 -4.39 7.57 10.10
C GLU B 404 -3.89 7.87 11.50
N TYR B 405 -2.82 7.21 11.94
CA TYR B 405 -2.31 7.36 13.29
C TYR B 405 -0.88 7.88 13.33
N TRP B 406 -0.31 8.23 12.19
CA TRP B 406 1.08 8.67 12.12
C TRP B 406 1.21 10.12 12.56
N GLN B 407 2.25 10.40 13.35
CA GLN B 407 2.47 11.76 13.86
C GLN B 407 3.91 12.22 13.77
N ALA B 408 4.82 11.44 13.19
CA ALA B 408 6.21 11.82 13.03
C ALA B 408 6.44 12.41 11.65
N THR B 409 7.50 13.21 11.54
CA THR B 409 7.86 13.87 10.28
C THR B 409 8.72 12.99 9.38
N TRP B 410 9.14 11.82 9.85
CA TRP B 410 9.88 10.86 9.03
C TRP B 410 9.06 9.58 8.89
N ILE B 411 9.48 8.73 7.97
CA ILE B 411 8.82 7.44 7.72
C ILE B 411 9.88 6.36 7.50
N PRO B 412 9.91 5.32 8.32
CA PRO B 412 10.88 4.24 8.13
C PRO B 412 10.42 3.27 7.06
N GLU B 413 11.27 2.27 6.80
CA GLU B 413 10.91 1.16 5.93
C GLU B 413 10.31 0.03 6.77
N TRP B 414 9.59 -0.86 6.10
CA TRP B 414 8.99 -1.98 6.81
C TRP B 414 8.68 -3.12 5.86
N GLU B 415 8.69 -4.33 6.40
CA GLU B 415 8.21 -5.53 5.73
C GLU B 415 7.22 -6.22 6.64
N PHE B 416 6.57 -7.27 6.12
CA PHE B 416 5.43 -7.88 6.78
C PHE B 416 5.69 -9.35 7.09
N VAL B 417 5.46 -9.74 8.33
CA VAL B 417 5.65 -11.10 8.80
C VAL B 417 4.32 -11.82 8.72
N ASN B 418 4.26 -12.91 7.95
CA ASN B 418 3.03 -13.66 7.75
C ASN B 418 3.04 -15.02 8.43
N THR B 419 4.10 -15.36 9.17
CA THR B 419 4.19 -16.63 9.88
C THR B 419 4.41 -16.36 11.36
N PRO B 420 3.62 -16.97 12.24
CA PRO B 420 3.73 -16.68 13.67
C PRO B 420 5.09 -17.10 14.23
N PRO B 421 5.80 -16.19 14.87
CA PRO B 421 7.06 -16.56 15.50
C PRO B 421 6.83 -17.43 16.73
N LEU B 422 7.73 -18.41 16.90
CA LEU B 422 7.72 -19.24 18.10
C LEU B 422 8.45 -18.61 19.27
N VAL B 423 9.44 -17.73 19.01
CA VAL B 423 10.16 -17.04 20.08
C VAL B 423 9.34 -15.96 20.75
N LYS B 424 8.09 -15.78 20.37
CA LYS B 424 7.24 -14.78 21.02
C LYS B 424 7.07 -15.10 22.51
N LEU B 425 6.74 -16.34 22.84
CA LEU B 425 6.46 -16.72 24.21
C LEU B 425 7.70 -16.64 25.10
N TRP B 426 8.84 -16.36 24.50
CA TRP B 426 10.10 -16.28 25.24
C TRP B 426 10.60 -14.85 25.44
N TYR B 427 10.06 -13.88 24.71
CA TYR B 427 10.25 -12.47 25.04
C TYR B 427 9.15 -11.96 25.96
N GLN B 428 8.18 -12.79 26.32
CA GLN B 428 7.06 -12.40 27.15
C GLN B 428 7.49 -12.27 28.61
S SO4 C . -17.19 -23.19 2.70
O1 SO4 C . -17.00 -24.60 2.99
O2 SO4 C . -18.57 -22.80 3.02
O3 SO4 C . -16.93 -22.95 1.28
O4 SO4 C . -16.27 -22.39 3.50
N WB3 D . -25.40 11.82 -15.22
C WB3 D . -28.82 13.74 -18.62
O WB3 D . -31.23 14.18 -19.46
C1 WB3 D . -28.78 13.97 -17.25
C10 WB3 D . -24.10 13.88 -14.73
C11 WB3 D . -23.67 13.05 -13.53
C12 WB3 D . -21.71 14.32 -12.57
C13 WB3 D . -19.75 14.47 -13.68
C14 WB3 D . -19.39 13.57 -15.88
C15 WB3 D . -18.90 12.28 -16.03
C16 WB3 D . -18.01 11.63 -15.00
C17 WB3 D . -19.24 11.58 -17.19
C18 WB3 D . -20.05 12.16 -18.16
C19 WB3 D . -20.34 11.43 -19.40
C2 WB3 D . -27.96 13.19 -16.45
C20 WB3 D . -21.01 11.72 -20.51
C21 WB3 D . -21.21 10.90 -21.65
C22 WB3 D . -20.54 13.45 -17.96
C23 WB3 D . -20.22 14.18 -16.82
C24 WB3 D . -20.74 15.58 -16.63
C25 WB3 D . -19.16 15.21 -12.61
C26 WB3 D . -17.82 15.63 -12.49
C27 WB3 D . -17.39 16.22 -11.36
C28 WB3 D . -18.30 16.41 -10.32
C29 WB3 D . -20.00 15.44 -11.50
C3 WB3 D . -28.02 12.76 -19.19
C30 WB3 D . -29.38 14.32 -21.27
C4 WB3 D . -27.21 11.99 -18.36
C5 WB3 D . -27.19 12.19 -16.99
C6 WB3 D . -26.40 11.23 -16.11
C7 WB3 D . -25.97 12.17 -13.91
C8 WB3 D . -24.86 12.37 -12.89
C9 WB3 D . -24.74 13.00 -15.80
N1 WB3 D . -22.98 13.87 -12.55
N2 WB3 D . -20.98 14.04 -13.67
N3 WB3 D . -21.33 10.22 -22.56
N4 WB3 D . -19.56 16.05 -10.36
N5 WB3 D . -21.30 15.01 -11.48
O1 WB3 D . -18.96 14.29 -14.78
O2 WB3 D . -29.68 16.07 -19.39
S WB3 D . -29.91 14.69 -19.64
C1 EDO E . -21.48 7.99 7.43
O1 EDO E . -21.51 7.20 6.25
C2 EDO E . -20.90 7.16 8.58
O2 EDO E . -19.80 6.39 8.07
C1 EDO F . -10.93 43.18 -38.95
O1 EDO F . -11.52 42.01 -38.38
C2 EDO F . -9.47 43.26 -38.54
O2 EDO F . -8.75 42.15 -39.08
S DMS G . 2.38 7.40 -11.40
O DMS G . 1.79 8.17 -10.26
C1 DMS G . 2.80 5.72 -10.85
C2 DMS G . 4.05 8.03 -11.76
S SO4 H . -2.09 -33.44 1.32
O1 SO4 H . -2.52 -33.95 2.62
O2 SO4 H . -3.25 -33.03 0.54
O3 SO4 H . -1.35 -34.47 0.61
O4 SO4 H . -1.22 -32.28 1.53
S SO4 I . -13.01 -26.20 20.82
O1 SO4 I . -14.06 -26.26 21.83
O2 SO4 I . -11.90 -27.05 21.22
O3 SO4 I . -13.54 -26.68 19.54
O4 SO4 I . -12.55 -24.83 20.67
MG MG J . 11.20 -36.16 15.78
C1 EDO K . 0.20 3.47 1.34
O1 EDO K . -0.54 4.01 2.43
C2 EDO K . 0.81 2.14 1.75
O2 EDO K . 1.61 2.32 2.92
C1 EDO L . -9.49 18.67 -4.96
O1 EDO L . -9.46 20.02 -5.46
C2 EDO L . -8.37 17.88 -5.62
O2 EDO L . -8.53 17.94 -7.05
S SO4 M . 10.40 8.50 27.77
O1 SO4 M . 10.46 9.87 28.26
O2 SO4 M . 10.27 7.58 28.90
O3 SO4 M . 9.24 8.35 26.88
O4 SO4 M . 11.62 8.19 27.03
S SO4 N . 30.94 11.44 21.50
O1 SO4 N . 29.76 11.74 22.31
O2 SO4 N . 31.89 10.65 22.28
O3 SO4 N . 30.53 10.68 20.32
O4 SO4 N . 31.57 12.69 21.09
S SO4 O . 12.48 15.12 -18.21
O1 SO4 O . 12.61 15.88 -16.97
O2 SO4 O . 11.23 14.34 -18.18
O3 SO4 O . 12.45 16.04 -19.35
O4 SO4 O . 13.61 14.21 -18.35
S SO4 P . 23.22 -29.37 26.76
O1 SO4 P . 22.74 -29.77 28.07
O2 SO4 P . 22.77 -30.34 25.76
O3 SO4 P . 22.71 -28.05 26.43
O4 SO4 P . 24.69 -29.34 26.76
S SO4 Q . -1.49 -13.04 21.93
O1 SO4 Q . -2.73 -13.62 22.44
O2 SO4 Q . -0.45 -13.12 22.97
O3 SO4 Q . -1.71 -11.64 21.60
O4 SO4 Q . -1.05 -13.77 20.74
#